data_6FCU
#
_entry.id   6FCU
#
_cell.length_a   164.293
_cell.length_b   164.293
_cell.length_c   55.954
_cell.angle_alpha   90.00
_cell.angle_beta   90.00
_cell.angle_gamma   120.00
#
_symmetry.space_group_name_H-M   'P 63'
#
loop_
_entity.id
_entity.type
_entity.pdbx_description
1 polymer 'Soluble lytic murein transglycosylase'
2 branched '2-acetamido-2-deoxy-beta-D-glucopyranose-(1-4)-2-acetamido-3-O-[(2R)-1-amino-1-oxopropan-2-yl]-2-deoxy-beta-D-glucopyranose-(1-4)-2-acetamido-2-deoxy-beta-D-glucopyranose-(1-4)-N-acetyl-beta-muramic acid-(1-4)-2-acetamido-2-deoxy-beta-D-glucopyranose-(1-4)-N-acetyl-beta-muramic acid-(1-4)-2-acetamido-2-deoxy-beta-D-glucopyranose-(1-4)-methyl 2-acetamido-2-deoxy-beta-D-glucopyranoside'
3 non-polymer 'ACETATE ION'
4 non-polymer ALANINE
5 non-polymer 'D-GLUTAMIC ACID'
6 water water
#
_entity_poly.entity_id   1
_entity_poly.type   'polypeptide(L)'
_entity_poly.pdbx_seq_one_letter_code
;QRRLYDQAKAALAKGNSAPYMASRSALRDYPLEPYLAYDELTHRLKSASNEEVERFLTEHGDLPQIGWLKLRWLRLLADR
GDWKTFVNYYDPKLNFTELDCLYGQYQLGHGQKAEGYATSERLWLVGKSQPAACDTLFGLWQGEGQLTEEKVWKRLKLAA
EARNYSLASHLAQRLPTLGNQGALMVSVAQNPAQLSQTGRFSQRDHATADVVGLGLRRLARQDPEKALSLLDYYSSALPF
SSDEKVAIAREIGLSLAKRFDPRALPLMTQYDPGLRDNTVTEWRTRLLLRLGRWDEAYALTRKLPQDLAATSRWRYWQAR
SLQLAQPNSKEPIALYQKLAGERDFYGFLAADRLSVPYKLGNRPAHIDPRVLQRVRNAASTRRAMEFFNRGEVINARREW
YHAARLFDRDELIAQARLAYDMQWYFPAIRSISQAQYWDDLDIRFPMAHRATLVREAKNRGLHSSWIFAITRQQSAFMSD
ARSGVGATGLMQLMPGTAKETSRKFGIPLASTQQLIVPDVNIRLGAAYLSQVHSQFNGNRVLASAAYNAGPGRVRQWLKD
TRHLAFDVWIETIPFDETRQYVQNVLSYAVIYGQKLNAPQPIVDWHERYFDDF
;
_entity_poly.pdbx_strand_id   A
#
loop_
_chem_comp.id
_chem_comp.type
_chem_comp.name
_chem_comp.formula
ACT non-polymer 'ACETATE ION' 'C2 H3 O2 -1'
AMU D-saccharide, beta linking 'N-acetyl-beta-muramic acid' 'C11 H19 N O8'
MAG D-saccharide 'methyl 2-acetamido-2-deoxy-beta-D-glucopyranoside' 'C9 H17 N O6'
NAG D-saccharide, beta linking 2-acetamido-2-deoxy-beta-D-glucopyranose 'C8 H15 N O6'
NM6 D-saccharide, beta linking 2-acetamido-3-O-[(2R)-1-amino-1-oxopropan-2-yl]-2-deoxy-beta-D-glucopyranose 'C11 H20 N2 O7'
#
# COMPACT_ATOMS: atom_id res chain seq x y z
N GLN A 1 -1.13 -39.53 23.10
CA GLN A 1 -0.06 -38.84 23.87
C GLN A 1 0.42 -37.55 23.17
N ARG A 2 0.79 -36.57 23.99
CA ARG A 2 1.35 -35.29 23.54
C ARG A 2 2.86 -35.45 23.25
N ARG A 3 3.42 -34.59 22.39
CA ARG A 3 4.81 -34.76 21.88
C ARG A 3 5.66 -33.46 21.84
N LEU A 4 6.77 -33.44 22.61
CA LEU A 4 7.82 -32.40 22.49
C LEU A 4 8.58 -32.62 21.18
N TYR A 5 8.01 -32.13 20.08
CA TYR A 5 8.58 -32.37 18.73
C TYR A 5 9.84 -31.53 18.44
N ASP A 6 10.09 -30.50 19.26
CA ASP A 6 11.33 -29.68 19.18
C ASP A 6 12.59 -30.52 18.94
N GLN A 7 12.68 -31.65 19.63
CA GLN A 7 13.79 -32.60 19.47
C GLN A 7 14.09 -32.89 18.01
N ALA A 8 13.05 -33.28 17.27
CA ALA A 8 13.16 -33.46 15.82
C ALA A 8 13.46 -32.13 15.10
N LYS A 9 12.80 -31.05 15.54
CA LYS A 9 12.95 -29.70 14.96
C LYS A 9 14.39 -29.16 15.00
N ALA A 10 15.06 -29.29 16.14
CA ALA A 10 16.48 -28.91 16.28
C ALA A 10 17.35 -29.66 15.27
N ALA A 11 17.12 -30.96 15.19
CA ALA A 11 17.90 -31.88 14.35
C ALA A 11 18.11 -31.43 12.90
N LEU A 12 17.06 -30.91 12.26
CA LEU A 12 17.04 -30.75 10.81
C LEU A 12 17.76 -29.49 10.28
N ALA A 13 17.39 -28.32 10.80
CA ALA A 13 17.97 -27.04 10.34
C ALA A 13 18.78 -26.40 11.49
N LYS A 14 20.07 -26.71 11.68
CA LYS A 14 20.90 -27.58 10.80
C LYS A 14 21.11 -28.96 11.44
N GLY A 15 21.76 -29.84 10.68
CA GLY A 15 22.14 -31.18 11.15
C GLY A 15 21.47 -32.30 10.38
N ASN A 16 21.28 -33.44 11.05
CA ASN A 16 20.78 -34.67 10.43
C ASN A 16 19.32 -34.94 10.75
N SER A 17 18.78 -35.95 10.08
CA SER A 17 17.35 -36.29 10.11
C SER A 17 16.99 -37.45 11.06
N ALA A 18 17.91 -37.84 11.93
CA ALA A 18 17.75 -39.07 12.72
C ALA A 18 16.60 -39.02 13.74
N PRO A 19 16.52 -37.93 14.54
CA PRO A 19 15.43 -37.89 15.51
C PRO A 19 14.04 -37.74 14.88
N TYR A 20 13.95 -37.02 13.75
CA TYR A 20 12.67 -36.90 13.03
C TYR A 20 12.16 -38.27 12.54
N MET A 21 13.02 -39.05 11.89
CA MET A 21 12.65 -40.39 11.43
C MET A 21 12.24 -41.28 12.59
N ALA A 22 12.97 -41.19 13.70
CA ALA A 22 12.65 -41.91 14.93
C ALA A 22 11.22 -41.65 15.42
N SER A 23 10.85 -40.36 15.44
CA SER A 23 9.55 -39.90 15.97
C SER A 23 8.37 -39.91 14.98
N ARG A 24 8.63 -40.23 13.71
CA ARG A 24 7.65 -40.08 12.62
C ARG A 24 6.43 -41.01 12.70
N SER A 25 6.61 -42.15 13.35
CA SER A 25 5.50 -43.06 13.66
C SER A 25 4.53 -42.45 14.70
N ALA A 26 5.07 -41.70 15.66
CA ALA A 26 4.26 -40.99 16.66
C ALA A 26 3.53 -39.78 16.08
N LEU A 27 4.27 -38.96 15.31
CA LEU A 27 3.79 -37.64 14.87
C LEU A 27 2.81 -37.63 13.67
N ARG A 28 2.42 -38.81 13.16
CA ARG A 28 1.39 -38.95 12.10
C ARG A 28 0.10 -38.15 12.36
N ASP A 29 -0.26 -37.98 13.63
CA ASP A 29 -1.39 -37.14 14.03
C ASP A 29 -1.04 -35.65 13.99
N TYR A 30 0.03 -35.29 14.71
CA TYR A 30 0.47 -33.88 14.96
C TYR A 30 0.43 -32.96 13.72
N PRO A 31 -0.18 -31.75 13.84
CA PRO A 31 -0.32 -30.94 12.63
C PRO A 31 0.98 -30.27 12.12
N LEU A 32 2.00 -30.08 12.97
CA LEU A 32 3.28 -29.50 12.52
C LEU A 32 4.29 -30.50 11.93
N GLU A 33 4.00 -31.80 11.98
CA GLU A 33 4.84 -32.84 11.33
C GLU A 33 5.22 -32.51 9.87
N PRO A 34 4.26 -32.02 9.05
CA PRO A 34 4.61 -31.57 7.69
C PRO A 34 5.77 -30.55 7.56
N TYR A 35 5.91 -29.66 8.55
CA TYR A 35 7.03 -28.71 8.58
C TYR A 35 8.39 -29.37 8.71
N LEU A 36 8.43 -30.54 9.37
CA LEU A 36 9.66 -31.32 9.55
C LEU A 36 10.02 -32.06 8.27
N ALA A 37 9.05 -32.83 7.76
CA ALA A 37 9.15 -33.54 6.48
C ALA A 37 9.62 -32.61 5.38
N TYR A 38 9.02 -31.41 5.35
CA TYR A 38 9.43 -30.33 4.45
C TYR A 38 10.91 -30.05 4.57
N ASP A 39 11.34 -29.74 5.79
CA ASP A 39 12.75 -29.42 6.05
C ASP A 39 13.63 -30.63 5.72
N GLU A 40 13.15 -31.85 6.02
CA GLU A 40 13.86 -33.10 5.71
C GLU A 40 14.19 -33.16 4.22
N LEU A 41 13.14 -33.12 3.41
CA LEU A 41 13.24 -33.19 1.97
C LEU A 41 14.19 -32.12 1.43
N THR A 42 13.97 -30.87 1.85
CA THR A 42 14.69 -29.69 1.32
C THR A 42 16.21 -29.75 1.49
N HIS A 43 16.69 -30.35 2.59
CA HIS A 43 18.12 -30.51 2.83
C HIS A 43 18.79 -31.59 1.97
N ARG A 44 17.99 -32.42 1.28
CA ARG A 44 18.46 -33.51 0.41
C ARG A 44 17.73 -33.46 -0.94
N LEU A 45 17.45 -32.25 -1.39
CA LEU A 45 16.51 -31.98 -2.47
C LEU A 45 17.11 -32.30 -3.82
N LYS A 46 18.39 -31.99 -3.97
CA LYS A 46 19.10 -32.21 -5.21
C LYS A 46 19.24 -33.70 -5.57
N SER A 47 19.19 -34.56 -4.56
CA SER A 47 19.24 -36.01 -4.76
C SER A 47 17.87 -36.68 -4.98
N ALA A 48 16.83 -36.16 -4.30
CA ALA A 48 15.48 -36.78 -4.31
C ALA A 48 14.84 -36.90 -5.70
N SER A 49 13.95 -37.88 -5.84
CA SER A 49 13.29 -38.20 -7.11
C SER A 49 12.22 -37.17 -7.45
N ASN A 50 11.64 -37.31 -8.66
CA ASN A 50 10.49 -36.50 -9.05
C ASN A 50 9.26 -36.96 -8.27
N GLU A 51 8.88 -38.21 -8.50
CA GLU A 51 7.86 -38.94 -7.73
C GLU A 51 7.81 -38.64 -6.24
N GLU A 52 8.97 -38.44 -5.59
CA GLU A 52 8.96 -38.07 -4.18
C GLU A 52 8.60 -36.61 -3.94
N VAL A 53 9.18 -35.71 -4.72
CA VAL A 53 8.84 -34.29 -4.62
C VAL A 53 7.38 -34.08 -5.01
N GLU A 54 6.96 -34.67 -6.13
CA GLU A 54 5.56 -34.60 -6.58
C GLU A 54 4.57 -35.16 -5.53
N ARG A 55 4.91 -36.30 -4.93
CA ARG A 55 4.11 -36.87 -3.83
C ARG A 55 3.99 -35.86 -2.68
N PHE A 56 5.07 -35.16 -2.35
CA PHE A 56 5.07 -34.15 -1.29
C PHE A 56 4.33 -32.87 -1.68
N LEU A 57 4.47 -32.45 -2.93
CA LEU A 57 3.78 -31.25 -3.41
C LEU A 57 2.27 -31.41 -3.28
N THR A 58 1.76 -32.57 -3.69
CA THR A 58 0.32 -32.88 -3.58
C THR A 58 -0.17 -32.85 -2.14
N GLU A 59 0.41 -33.71 -1.31
CA GLU A 59 -0.13 -34.05 0.00
C GLU A 59 0.13 -33.00 1.08
N HIS A 60 1.08 -32.09 0.82
CA HIS A 60 1.29 -30.93 1.67
C HIS A 60 1.46 -29.69 0.80
N GLY A 61 0.58 -29.54 -0.19
CA GLY A 61 0.58 -28.37 -1.08
C GLY A 61 0.07 -27.09 -0.43
N ASP A 62 -0.70 -27.25 0.63
CA ASP A 62 -1.27 -26.14 1.39
C ASP A 62 -0.27 -25.30 2.20
N LEU A 63 0.91 -25.84 2.52
CA LEU A 63 1.87 -25.17 3.43
C LEU A 63 2.34 -23.80 2.92
N PRO A 64 2.52 -22.82 3.82
CA PRO A 64 3.01 -21.49 3.42
C PRO A 64 4.32 -21.53 2.63
N GLN A 65 5.31 -22.25 3.16
CA GLN A 65 6.63 -22.36 2.56
C GLN A 65 6.72 -23.13 1.23
N ILE A 66 5.60 -23.70 0.75
CA ILE A 66 5.63 -24.62 -0.39
C ILE A 66 6.11 -24.02 -1.73
N GLY A 67 5.91 -22.71 -1.89
CA GLY A 67 6.38 -22.00 -3.09
C GLY A 67 7.89 -21.91 -3.17
N TRP A 68 8.56 -21.87 -2.02
CA TRP A 68 10.02 -21.84 -1.98
C TRP A 68 10.59 -23.18 -2.44
N LEU A 69 9.97 -24.27 -2.00
CA LEU A 69 10.28 -25.61 -2.51
C LEU A 69 10.06 -25.69 -4.01
N LYS A 70 8.93 -25.18 -4.49
CA LYS A 70 8.65 -25.12 -5.92
C LYS A 70 9.79 -24.42 -6.66
N LEU A 71 10.20 -23.25 -6.14
CA LEU A 71 11.29 -22.48 -6.73
C LEU A 71 12.58 -23.28 -6.75
N ARG A 72 13.00 -23.78 -5.59
CA ARG A 72 14.22 -24.57 -5.47
C ARG A 72 14.20 -25.81 -6.39
N TRP A 73 13.05 -26.49 -6.43
CA TRP A 73 12.90 -27.70 -7.23
C TRP A 73 12.93 -27.38 -8.71
N LEU A 74 12.22 -26.32 -9.11
CA LEU A 74 12.14 -25.94 -10.54
C LEU A 74 13.47 -25.49 -11.12
N ARG A 75 14.24 -24.74 -10.33
CA ARG A 75 15.63 -24.45 -10.66
C ARG A 75 16.40 -25.67 -11.14
N LEU A 76 16.31 -26.76 -10.37
CA LEU A 76 16.98 -28.04 -10.68
C LEU A 76 16.45 -28.64 -11.97
N LEU A 77 15.12 -28.74 -12.05
CA LEU A 77 14.44 -29.31 -13.22
C LEU A 77 14.97 -28.66 -14.49
N ALA A 78 15.03 -27.33 -14.49
CA ALA A 78 15.55 -26.56 -15.61
C ALA A 78 17.05 -26.78 -15.83
N ASP A 79 17.80 -26.89 -14.73
CA ASP A 79 19.26 -27.10 -14.78
C ASP A 79 19.66 -28.54 -15.14
N ARG A 80 18.69 -29.41 -15.43
CA ARG A 80 18.96 -30.71 -16.04
C ARG A 80 18.26 -30.86 -17.39
N GLY A 81 17.59 -29.81 -17.84
CA GLY A 81 16.69 -29.89 -19.00
C GLY A 81 15.44 -30.76 -18.84
N ASP A 82 15.09 -31.14 -17.60
CA ASP A 82 13.79 -31.81 -17.34
C ASP A 82 12.68 -30.77 -17.47
N TRP A 83 12.40 -30.40 -18.71
CA TRP A 83 11.44 -29.34 -19.02
C TRP A 83 9.99 -29.84 -19.04
N LYS A 84 9.82 -31.14 -19.25
CA LYS A 84 8.50 -31.73 -19.24
C LYS A 84 7.92 -31.50 -17.85
N THR A 85 8.65 -31.92 -16.83
CA THR A 85 8.22 -31.73 -15.44
C THR A 85 8.19 -30.25 -15.06
N PHE A 86 9.10 -29.45 -15.61
CA PHE A 86 9.06 -28.01 -15.36
C PHE A 86 7.68 -27.41 -15.69
N VAL A 87 7.25 -27.52 -16.95
CA VAL A 87 6.00 -26.90 -17.39
C VAL A 87 4.76 -27.48 -16.69
N ASN A 88 4.88 -28.69 -16.16
CA ASN A 88 3.82 -29.24 -15.32
C ASN A 88 3.58 -28.45 -14.01
N TYR A 89 4.64 -27.86 -13.46
CA TYR A 89 4.57 -27.13 -12.17
C TYR A 89 4.85 -25.62 -12.20
N TYR A 90 5.43 -25.12 -13.29
CA TYR A 90 5.61 -23.67 -13.43
C TYR A 90 4.27 -22.95 -13.35
N ASP A 91 4.22 -21.95 -12.49
CA ASP A 91 3.02 -21.20 -12.20
C ASP A 91 3.43 -19.73 -12.07
N PRO A 92 2.93 -18.85 -12.95
CA PRO A 92 3.30 -17.43 -12.79
C PRO A 92 2.89 -16.80 -11.46
N LYS A 93 1.80 -17.29 -10.85
CA LYS A 93 1.23 -16.66 -9.65
C LYS A 93 2.06 -16.83 -8.38
N LEU A 94 3.10 -17.66 -8.43
CA LEU A 94 4.16 -17.63 -7.42
C LEU A 94 4.98 -16.34 -7.45
N ASN A 95 4.91 -15.60 -8.58
CA ASN A 95 5.57 -14.30 -8.74
C ASN A 95 7.11 -14.31 -8.56
N PHE A 96 7.75 -15.43 -8.87
CA PHE A 96 9.22 -15.49 -8.93
C PHE A 96 9.62 -15.19 -10.35
N THR A 97 10.35 -14.10 -10.54
CA THR A 97 10.81 -13.68 -11.86
C THR A 97 11.86 -14.64 -12.41
N GLU A 98 12.67 -15.23 -11.51
CA GLU A 98 13.61 -16.28 -11.89
C GLU A 98 12.88 -17.38 -12.68
N LEU A 99 11.76 -17.87 -12.15
CA LEU A 99 10.95 -18.85 -12.88
C LEU A 99 10.40 -18.27 -14.17
N ASP A 100 9.69 -17.15 -14.10
CA ASP A 100 9.14 -16.50 -15.33
C ASP A 100 10.17 -16.48 -16.47
N CYS A 101 11.40 -16.10 -16.15
CA CYS A 101 12.50 -16.08 -17.12
C CYS A 101 12.92 -17.48 -17.58
N LEU A 102 12.99 -18.44 -16.66
CA LEU A 102 13.23 -19.85 -17.03
C LEU A 102 12.12 -20.40 -17.93
N TYR A 103 10.87 -20.02 -17.65
CA TYR A 103 9.76 -20.39 -18.51
C TYR A 103 9.88 -19.68 -19.85
N GLY A 104 10.46 -18.48 -19.84
CA GLY A 104 10.82 -17.78 -21.07
C GLY A 104 11.81 -18.55 -21.93
N GLN A 105 12.83 -19.11 -21.28
CA GLN A 105 13.84 -19.93 -21.95
C GLN A 105 13.16 -21.12 -22.61
N TYR A 106 12.44 -21.90 -21.79
CA TYR A 106 11.67 -23.06 -22.26
C TYR A 106 10.93 -22.76 -23.57
N GLN A 107 10.20 -21.64 -23.59
CA GLN A 107 9.39 -21.25 -24.74
C GLN A 107 10.20 -21.21 -26.01
N LEU A 108 11.36 -20.54 -25.96
CA LEU A 108 12.20 -20.37 -27.13
C LEU A 108 12.77 -21.69 -27.65
N GLY A 109 13.17 -22.57 -26.73
CA GLY A 109 13.64 -23.92 -27.10
C GLY A 109 12.58 -24.99 -27.36
N HIS A 110 11.31 -24.61 -27.49
CA HIS A 110 10.19 -25.54 -27.74
C HIS A 110 9.15 -24.98 -28.73
N GLY A 111 9.62 -24.28 -29.77
CA GLY A 111 8.75 -23.75 -30.84
C GLY A 111 7.92 -22.49 -30.59
N GLN A 112 7.57 -22.22 -29.33
CA GLN A 112 6.70 -21.10 -28.96
C GLN A 112 7.42 -19.74 -28.98
N LYS A 113 7.66 -19.22 -30.18
CA LYS A 113 8.42 -17.97 -30.37
C LYS A 113 7.60 -16.70 -30.08
N ALA A 114 6.36 -16.65 -30.56
CA ALA A 114 5.46 -15.55 -30.23
C ALA A 114 5.28 -15.39 -28.73
N GLU A 115 5.21 -16.50 -28.00
CA GLU A 115 4.98 -16.50 -26.57
C GLU A 115 6.27 -16.09 -25.83
N GLY A 116 7.39 -16.65 -26.27
CA GLY A 116 8.73 -16.34 -25.73
C GLY A 116 9.22 -14.93 -26.00
N TYR A 117 8.97 -14.42 -27.20
CA TYR A 117 9.35 -13.03 -27.54
C TYR A 117 8.61 -12.04 -26.65
N ALA A 118 7.29 -12.19 -26.58
CA ALA A 118 6.46 -11.37 -25.69
C ALA A 118 6.73 -11.63 -24.20
N THR A 119 7.09 -12.87 -23.83
CA THR A 119 7.51 -13.17 -22.46
C THR A 119 8.85 -12.48 -22.14
N SER A 120 9.77 -12.51 -23.09
CA SER A 120 11.08 -11.89 -22.93
C SER A 120 10.95 -10.36 -22.84
N GLU A 121 10.28 -9.78 -23.83
CA GLU A 121 10.07 -8.33 -23.88
C GLU A 121 9.33 -7.80 -22.65
N ARG A 122 8.35 -8.54 -22.12
CA ARG A 122 7.65 -8.13 -20.86
C ARG A 122 8.65 -7.99 -19.69
N LEU A 123 9.56 -8.95 -19.59
CA LEU A 123 10.57 -9.00 -18.52
C LEU A 123 11.74 -8.07 -18.73
N TRP A 124 12.03 -7.79 -20.00
CA TRP A 124 12.97 -6.75 -20.40
C TRP A 124 12.45 -5.35 -20.04
N LEU A 125 11.25 -5.01 -20.54
CA LEU A 125 10.69 -3.66 -20.37
C LEU A 125 10.18 -3.43 -18.92
N VAL A 126 11.12 -2.99 -18.10
CA VAL A 126 11.14 -3.10 -16.64
C VAL A 126 12.45 -2.39 -16.25
N GLY A 127 12.38 -1.39 -15.39
CA GLY A 127 13.52 -0.53 -15.09
C GLY A 127 14.31 -0.82 -13.84
N LYS A 128 14.33 -2.08 -13.41
CA LYS A 128 15.18 -2.54 -12.33
C LYS A 128 16.05 -3.63 -12.92
N SER A 129 17.13 -3.98 -12.23
CA SER A 129 17.90 -5.16 -12.60
C SER A 129 17.07 -6.42 -12.30
N GLN A 130 17.04 -7.37 -13.24
CA GLN A 130 16.30 -8.64 -13.09
C GLN A 130 17.28 -9.78 -12.76
N PRO A 131 16.80 -10.88 -12.13
CA PRO A 131 17.65 -12.03 -11.75
C PRO A 131 18.47 -12.68 -12.88
N ALA A 132 19.56 -13.35 -12.49
CA ALA A 132 20.59 -13.84 -13.41
C ALA A 132 20.12 -14.88 -14.42
N ALA A 133 18.96 -15.47 -14.18
CA ALA A 133 18.29 -16.28 -15.18
C ALA A 133 17.85 -15.43 -16.39
N CYS A 134 17.29 -14.26 -16.11
CA CYS A 134 16.78 -13.36 -17.15
C CYS A 134 17.86 -12.85 -18.10
N ASP A 135 19.12 -12.82 -17.65
CA ASP A 135 20.25 -12.58 -18.54
C ASP A 135 20.31 -13.62 -19.63
N THR A 136 20.21 -14.88 -19.25
CA THR A 136 20.22 -15.98 -20.22
C THR A 136 19.09 -15.82 -21.26
N LEU A 137 17.87 -15.53 -20.78
CA LEU A 137 16.72 -15.30 -21.66
C LEU A 137 16.91 -14.10 -22.58
N PHE A 138 17.36 -12.97 -22.05
CA PHE A 138 17.61 -11.77 -22.88
C PHE A 138 18.74 -12.06 -23.86
N GLY A 139 19.64 -12.97 -23.49
CA GLY A 139 20.67 -13.47 -24.40
C GLY A 139 20.12 -14.23 -25.60
N LEU A 140 19.21 -15.17 -25.35
CA LEU A 140 18.58 -15.97 -26.43
C LEU A 140 17.72 -15.04 -27.30
N TRP A 141 16.91 -14.23 -26.63
CA TRP A 141 16.06 -13.20 -27.23
C TRP A 141 16.86 -12.25 -28.12
N GLN A 142 18.02 -11.84 -27.63
CA GLN A 142 18.98 -11.03 -28.40
C GLN A 142 19.52 -11.79 -29.59
N GLY A 143 19.92 -13.04 -29.34
CA GLY A 143 20.44 -13.95 -30.36
C GLY A 143 19.54 -14.13 -31.58
N GLU A 144 18.22 -14.02 -31.38
CA GLU A 144 17.25 -14.06 -32.47
C GLU A 144 16.88 -12.66 -32.98
N GLY A 145 17.73 -11.68 -32.70
CA GLY A 145 17.63 -10.33 -33.22
C GLY A 145 16.48 -9.50 -32.71
N GLN A 146 15.85 -9.92 -31.62
CA GLN A 146 14.69 -9.20 -31.10
C GLN A 146 15.09 -7.98 -30.26
N LEU A 147 16.35 -7.92 -29.78
CA LEU A 147 16.78 -6.83 -28.89
C LEU A 147 17.23 -5.60 -29.68
N THR A 148 16.25 -4.87 -30.22
CA THR A 148 16.52 -3.75 -31.13
C THR A 148 16.97 -2.51 -30.36
N GLU A 149 17.38 -1.48 -31.10
CA GLU A 149 17.78 -0.18 -30.52
C GLU A 149 16.61 0.40 -29.73
N GLU A 150 15.45 0.45 -30.38
CA GLU A 150 14.23 0.99 -29.77
C GLU A 150 13.99 0.48 -28.34
N LYS A 151 14.15 -0.82 -28.12
CA LYS A 151 13.76 -1.46 -26.85
C LYS A 151 14.80 -1.33 -25.73
N VAL A 152 16.07 -1.38 -26.10
CA VAL A 152 17.15 -1.02 -25.16
C VAL A 152 17.04 0.46 -24.75
N TRP A 153 16.65 1.33 -25.68
CA TRP A 153 16.34 2.73 -25.38
C TRP A 153 15.17 2.86 -24.40
N LYS A 154 14.13 2.06 -24.62
CA LYS A 154 12.94 2.08 -23.76
C LYS A 154 13.20 1.57 -22.32
N ARG A 155 14.02 0.54 -22.17
CA ARG A 155 14.40 0.06 -20.84
C ARG A 155 15.30 1.08 -20.16
N LEU A 156 16.12 1.77 -20.94
CA LEU A 156 16.95 2.86 -20.45
C LEU A 156 16.08 3.93 -19.82
N LYS A 157 14.97 4.22 -20.51
CA LYS A 157 14.02 5.22 -20.05
C LYS A 157 13.42 4.79 -18.71
N LEU A 158 12.92 3.56 -18.67
CA LEU A 158 12.33 3.03 -17.44
C LEU A 158 13.33 3.02 -16.29
N ALA A 159 14.58 2.66 -16.58
CA ALA A 159 15.63 2.66 -15.55
C ALA A 159 15.86 4.06 -14.97
N ALA A 160 15.98 5.06 -15.86
CA ALA A 160 16.20 6.45 -15.45
C ALA A 160 14.96 6.98 -14.74
N GLU A 161 13.79 6.61 -15.24
CA GLU A 161 12.54 6.90 -14.54
C GLU A 161 12.51 6.39 -13.08
N ALA A 162 13.08 5.21 -12.84
CA ALA A 162 13.14 4.63 -11.49
C ALA A 162 14.32 5.12 -10.62
N ARG A 163 15.14 6.03 -11.16
CA ARG A 163 16.37 6.51 -10.51
C ARG A 163 17.48 5.44 -10.32
N ASN A 164 17.38 4.31 -11.04
CA ASN A 164 18.41 3.25 -11.02
C ASN A 164 19.40 3.54 -12.13
N TYR A 165 20.27 4.52 -11.86
CA TYR A 165 21.13 5.09 -12.91
C TYR A 165 22.33 4.22 -13.25
N SER A 166 22.67 3.27 -12.38
CA SER A 166 23.69 2.27 -12.67
C SER A 166 23.25 1.36 -13.84
N LEU A 167 22.01 0.87 -13.78
CA LEU A 167 21.41 0.13 -14.90
C LEU A 167 21.24 1.03 -16.12
N ALA A 168 20.74 2.24 -15.91
CA ALA A 168 20.59 3.22 -16.99
C ALA A 168 21.91 3.45 -17.70
N SER A 169 22.97 3.69 -16.95
CA SER A 169 24.28 3.92 -17.53
C SER A 169 24.75 2.70 -18.30
N HIS A 170 24.74 1.53 -17.66
CA HIS A 170 25.07 0.27 -18.36
C HIS A 170 24.36 0.14 -19.73
N LEU A 171 23.07 0.47 -19.77
CA LEU A 171 22.28 0.33 -21.00
C LEU A 171 22.61 1.39 -22.05
N ALA A 172 22.87 2.62 -21.61
CA ALA A 172 23.30 3.70 -22.51
C ALA A 172 24.58 3.34 -23.25
N GLN A 173 25.43 2.55 -22.59
CA GLN A 173 26.66 2.03 -23.18
C GLN A 173 26.42 0.71 -23.92
N ARG A 174 25.21 0.54 -24.46
CA ARG A 174 24.87 -0.54 -25.38
C ARG A 174 23.97 -0.01 -26.50
N LEU A 175 24.12 1.26 -26.85
CA LEU A 175 23.28 1.93 -27.83
C LEU A 175 24.14 2.28 -29.04
N PRO A 176 24.22 1.38 -30.05
CA PRO A 176 24.97 1.62 -31.28
C PRO A 176 24.91 3.04 -31.87
N THR A 177 23.72 3.61 -32.04
CA THR A 177 23.59 4.99 -32.53
C THR A 177 23.44 5.98 -31.37
N LEU A 178 22.35 5.84 -30.62
CA LEU A 178 21.98 6.81 -29.57
C LEU A 178 22.85 6.81 -28.30
N GLY A 179 24.13 6.44 -28.38
CA GLY A 179 25.03 6.47 -27.22
C GLY A 179 25.01 7.81 -26.48
N ASN A 180 25.01 8.90 -27.26
CA ASN A 180 24.91 10.28 -26.76
C ASN A 180 23.63 10.56 -26.01
N GLN A 181 22.50 10.69 -26.72
CA GLN A 181 21.25 11.13 -26.10
C GLN A 181 20.90 10.29 -24.87
N GLY A 182 21.31 9.01 -24.90
CA GLY A 182 21.20 8.10 -23.74
C GLY A 182 21.97 8.50 -22.51
N ALA A 183 23.23 8.90 -22.67
CA ALA A 183 24.00 9.48 -21.57
C ALA A 183 23.36 10.80 -21.13
N LEU A 184 22.94 11.60 -22.11
CA LEU A 184 22.31 12.90 -21.86
C LEU A 184 20.97 12.77 -21.14
N MET A 185 20.27 11.66 -21.36
CA MET A 185 19.07 11.32 -20.60
C MET A 185 19.39 11.12 -19.10
N VAL A 186 20.43 10.36 -18.81
CA VAL A 186 20.81 10.10 -17.41
C VAL A 186 21.23 11.40 -16.68
N SER A 187 21.82 12.35 -17.40
CA SER A 187 22.20 13.66 -16.83
C SER A 187 20.97 14.50 -16.49
N VAL A 188 20.00 14.52 -17.40
CA VAL A 188 18.72 15.19 -17.16
C VAL A 188 17.94 14.47 -16.07
N ALA A 189 17.79 13.16 -16.21
CA ALA A 189 17.17 12.34 -15.17
C ALA A 189 17.73 12.65 -13.78
N GLN A 190 19.05 12.84 -13.71
CA GLN A 190 19.74 13.19 -12.46
C GLN A 190 19.55 14.64 -12.01
N ASN A 191 19.64 15.58 -12.95
CA ASN A 191 19.39 16.99 -12.67
C ASN A 191 18.54 17.62 -13.78
N PRO A 192 17.20 17.53 -13.66
CA PRO A 192 16.27 17.99 -14.70
C PRO A 192 16.25 19.49 -14.91
N ALA A 193 16.70 20.24 -13.90
CA ALA A 193 16.87 21.68 -14.01
C ALA A 193 17.89 22.10 -15.07
N GLN A 194 18.70 21.15 -15.54
CA GLN A 194 19.54 21.38 -16.72
C GLN A 194 18.79 21.90 -17.96
N LEU A 195 17.50 21.58 -18.05
CA LEU A 195 16.66 22.02 -19.19
C LEU A 195 16.39 23.54 -19.25
N SER A 196 16.93 24.30 -18.29
CA SER A 196 17.05 25.75 -18.41
C SER A 196 17.81 26.16 -19.65
N GLN A 197 18.81 25.35 -20.02
CA GLN A 197 19.64 25.59 -21.19
C GLN A 197 18.90 25.08 -22.43
N THR A 198 17.97 25.89 -22.93
CA THR A 198 17.09 25.48 -24.04
C THR A 198 17.83 25.25 -25.36
N GLY A 199 18.93 25.97 -25.58
CA GLY A 199 19.77 25.75 -26.77
C GLY A 199 20.46 24.39 -26.78
N ARG A 200 20.98 24.00 -25.62
CA ARG A 200 21.68 22.72 -25.43
C ARG A 200 20.76 21.47 -25.54
N PHE A 201 19.44 21.67 -25.51
CA PHE A 201 18.44 20.60 -25.71
C PHE A 201 17.39 20.93 -26.76
N SER A 202 17.78 21.49 -27.89
CA SER A 202 16.83 21.81 -28.95
C SER A 202 17.30 21.21 -30.26
N GLN A 203 17.25 19.87 -30.31
CA GLN A 203 17.60 19.10 -31.50
C GLN A 203 16.37 18.28 -31.91
N ARG A 204 15.66 18.75 -32.92
CA ARG A 204 14.35 18.18 -33.29
C ARG A 204 14.40 16.74 -33.84
N ASP A 205 14.74 15.80 -32.96
CA ASP A 205 14.66 14.36 -33.27
C ASP A 205 13.81 13.69 -32.19
N HIS A 206 13.24 12.54 -32.53
CA HIS A 206 12.30 11.84 -31.66
C HIS A 206 12.97 11.39 -30.33
N ALA A 207 14.27 11.07 -30.38
CA ALA A 207 15.02 10.65 -29.18
C ALA A 207 15.32 11.79 -28.20
N THR A 208 15.49 13.01 -28.72
CA THR A 208 15.78 14.20 -27.90
C THR A 208 14.53 14.70 -27.18
N ALA A 209 13.39 14.65 -27.87
CA ALA A 209 12.09 14.82 -27.22
C ALA A 209 11.91 13.84 -26.08
N ASP A 210 12.34 12.60 -26.29
CA ASP A 210 12.25 11.59 -25.25
C ASP A 210 13.00 11.98 -23.96
N VAL A 211 14.15 12.66 -24.09
CA VAL A 211 14.95 13.04 -22.88
C VAL A 211 14.36 14.27 -22.19
N VAL A 212 14.00 15.31 -22.97
CA VAL A 212 13.37 16.50 -22.41
C VAL A 212 12.05 16.14 -21.72
N GLY A 213 11.29 15.25 -22.34
CA GLY A 213 10.05 14.74 -21.80
C GLY A 213 10.22 14.08 -20.45
N LEU A 214 11.24 13.23 -20.33
CA LEU A 214 11.57 12.60 -19.04
C LEU A 214 11.97 13.65 -18.03
N GLY A 215 12.78 14.60 -18.49
CA GLY A 215 13.26 15.68 -17.65
C GLY A 215 12.14 16.52 -17.11
N LEU A 216 11.29 17.01 -18.02
CA LEU A 216 10.17 17.84 -17.61
C LEU A 216 9.26 17.15 -16.61
N ARG A 217 9.10 15.84 -16.76
CA ARG A 217 8.28 15.08 -15.83
C ARG A 217 8.86 15.00 -14.42
N ARG A 218 10.16 14.73 -14.31
CA ARG A 218 10.83 14.77 -13.01
C ARG A 218 10.92 16.19 -12.44
N LEU A 219 11.32 17.15 -13.28
CA LEU A 219 11.42 18.55 -12.84
C LEU A 219 10.12 19.06 -12.23
N ALA A 220 9.01 18.63 -12.81
CA ALA A 220 7.68 18.95 -12.29
C ALA A 220 7.52 18.62 -10.82
N ARG A 221 7.94 17.41 -10.44
CA ARG A 221 7.80 16.92 -9.07
C ARG A 221 8.37 17.93 -8.04
N GLN A 222 9.52 18.56 -8.32
CA GLN A 222 10.17 19.45 -7.34
C GLN A 222 10.20 20.97 -7.67
N ASP A 223 10.28 21.35 -8.94
CA ASP A 223 10.11 22.76 -9.39
C ASP A 223 9.07 22.85 -10.54
N PRO A 224 7.77 22.69 -10.23
CA PRO A 224 6.76 22.66 -11.27
C PRO A 224 6.59 23.97 -12.01
N GLU A 225 6.79 25.09 -11.33
CA GLU A 225 6.63 26.42 -11.93
C GLU A 225 7.62 26.59 -13.11
N LYS A 226 8.78 25.95 -13.00
CA LYS A 226 9.78 25.92 -14.08
C LYS A 226 9.42 25.02 -15.26
N ALA A 227 8.86 23.84 -14.97
CA ALA A 227 8.47 22.90 -16.03
C ALA A 227 7.31 23.43 -16.85
N LEU A 228 6.40 24.18 -16.22
CA LEU A 228 5.29 24.83 -16.90
C LEU A 228 5.76 25.91 -17.86
N SER A 229 6.74 26.69 -17.42
CA SER A 229 7.36 27.69 -18.27
C SER A 229 8.15 27.05 -19.41
N LEU A 230 8.91 26.01 -19.10
CA LEU A 230 9.73 25.31 -20.11
C LEU A 230 8.94 24.45 -21.10
N LEU A 231 7.76 23.96 -20.70
CA LEU A 231 6.87 23.21 -21.59
C LEU A 231 6.36 24.04 -22.78
N ASP A 232 6.14 25.33 -22.57
CA ASP A 232 5.69 26.24 -23.63
C ASP A 232 6.77 26.37 -24.71
N TYR A 233 8.02 26.38 -24.27
CA TYR A 233 9.16 26.36 -25.17
C TYR A 233 9.24 25.01 -25.91
N TYR A 234 9.49 23.94 -25.18
CA TYR A 234 9.82 22.63 -25.79
C TYR A 234 8.71 22.00 -26.68
N SER A 235 7.45 22.39 -26.48
CA SER A 235 6.33 21.88 -27.29
C SER A 235 6.50 22.22 -28.78
N SER A 236 6.71 23.50 -29.08
CA SER A 236 7.03 23.95 -30.46
C SER A 236 8.35 23.38 -30.94
N ALA A 237 9.36 23.44 -30.06
CA ALA A 237 10.74 23.15 -30.46
C ALA A 237 11.01 21.68 -30.83
N LEU A 238 10.25 20.75 -30.24
CA LEU A 238 10.57 19.32 -30.33
C LEU A 238 9.41 18.48 -30.90
N PRO A 239 9.73 17.27 -31.41
CA PRO A 239 8.72 16.37 -31.93
C PRO A 239 8.04 15.52 -30.83
N PHE A 240 7.40 16.19 -29.88
CA PHE A 240 6.65 15.46 -28.86
C PHE A 240 5.46 14.83 -29.53
N SER A 241 5.25 13.54 -29.25
CA SER A 241 4.01 12.89 -29.63
C SER A 241 2.86 13.45 -28.80
N SER A 242 1.64 13.12 -29.21
CA SER A 242 0.45 13.62 -28.56
C SER A 242 0.36 13.14 -27.10
N ASP A 243 0.54 11.83 -26.91
CA ASP A 243 0.48 11.18 -25.60
C ASP A 243 1.76 11.33 -24.76
N GLU A 244 2.92 11.49 -25.43
CA GLU A 244 4.14 11.99 -24.77
C GLU A 244 3.83 13.33 -24.08
N LYS A 245 3.13 14.21 -24.81
CA LYS A 245 2.71 15.53 -24.31
C LYS A 245 1.76 15.52 -23.12
N VAL A 246 0.81 14.59 -23.08
CA VAL A 246 -0.21 14.62 -22.00
C VAL A 246 0.37 14.17 -20.66
N ALA A 247 1.25 13.15 -20.69
CA ALA A 247 1.91 12.65 -19.48
C ALA A 247 2.85 13.68 -18.81
N ILE A 248 3.35 14.63 -19.60
CA ILE A 248 4.06 15.82 -19.08
C ILE A 248 3.09 16.76 -18.35
N ALA A 249 1.94 17.02 -18.98
CA ALA A 249 0.94 17.91 -18.41
C ALA A 249 0.36 17.31 -17.13
N ARG A 250 0.00 16.04 -17.16
CA ARG A 250 -0.37 15.28 -15.95
C ARG A 250 0.52 15.65 -14.76
N GLU A 251 1.82 15.42 -14.92
CA GLU A 251 2.77 15.54 -13.82
C GLU A 251 2.83 16.95 -13.28
N ILE A 252 3.05 17.90 -14.19
CA ILE A 252 3.07 19.33 -13.89
C ILE A 252 1.76 19.76 -13.21
N GLY A 253 0.65 19.38 -13.82
CA GLY A 253 -0.69 19.74 -13.37
C GLY A 253 -0.98 19.27 -11.97
N LEU A 254 -0.74 17.99 -11.74
CA LEU A 254 -0.83 17.40 -10.39
C LEU A 254 0.10 18.07 -9.39
N SER A 255 1.31 18.40 -9.82
CA SER A 255 2.30 19.01 -8.95
C SER A 255 1.93 20.44 -8.61
N LEU A 256 1.49 21.19 -9.61
CA LEU A 256 0.97 22.55 -9.38
C LEU A 256 -0.29 22.53 -8.54
N ALA A 257 -1.19 21.58 -8.81
CA ALA A 257 -2.45 21.52 -8.08
C ALA A 257 -2.23 21.26 -6.60
N LYS A 258 -1.27 20.40 -6.27
CA LYS A 258 -0.95 20.11 -4.85
C LYS A 258 -0.41 21.34 -4.08
N ARG A 259 0.12 22.31 -4.84
CA ARG A 259 0.50 23.63 -4.31
C ARG A 259 -0.58 24.71 -4.47
N PHE A 260 -1.80 24.32 -4.85
CA PHE A 260 -2.93 25.24 -4.93
C PHE A 260 -2.67 26.44 -5.86
N ASP A 261 -1.99 26.13 -6.97
CA ASP A 261 -1.66 27.09 -7.99
C ASP A 261 -2.80 27.01 -9.02
N PRO A 262 -3.49 28.14 -9.29
CA PRO A 262 -4.56 28.13 -10.30
C PRO A 262 -4.15 27.88 -11.75
N ARG A 263 -2.86 27.97 -12.08
CA ARG A 263 -2.41 27.70 -13.46
C ARG A 263 -2.45 26.22 -13.87
N ALA A 264 -2.67 25.34 -12.89
CA ALA A 264 -3.01 23.95 -13.15
C ALA A 264 -4.32 23.83 -13.91
N LEU A 265 -5.31 24.64 -13.52
CA LEU A 265 -6.64 24.51 -14.08
C LEU A 265 -6.70 24.55 -15.63
N PRO A 266 -6.21 25.63 -16.28
CA PRO A 266 -6.20 25.61 -17.77
C PRO A 266 -5.47 24.44 -18.44
N LEU A 267 -4.37 24.01 -17.84
CA LEU A 267 -3.57 22.88 -18.34
C LEU A 267 -4.35 21.57 -18.26
N MET A 268 -4.70 21.14 -17.05
CA MET A 268 -5.55 19.96 -16.82
C MET A 268 -6.81 19.99 -17.68
N THR A 269 -7.51 21.13 -17.68
CA THR A 269 -8.72 21.34 -18.50
C THR A 269 -8.47 20.95 -19.98
N GLN A 270 -7.51 21.59 -20.64
CA GLN A 270 -7.21 21.23 -22.04
C GLN A 270 -6.65 19.82 -22.23
N TYR A 271 -5.62 19.43 -21.47
CA TYR A 271 -4.88 18.16 -21.74
C TYR A 271 -5.58 16.86 -21.28
N ASP A 272 -6.67 16.98 -20.53
CA ASP A 272 -7.52 15.82 -20.22
C ASP A 272 -8.95 16.32 -20.12
N PRO A 273 -9.55 16.69 -21.27
CA PRO A 273 -10.93 17.19 -21.28
C PRO A 273 -11.97 16.11 -20.96
N GLY A 274 -11.65 14.84 -21.25
CA GLY A 274 -12.59 13.75 -21.10
C GLY A 274 -12.71 13.15 -19.72
N LEU A 275 -11.83 13.55 -18.81
CA LEU A 275 -11.75 12.96 -17.46
C LEU A 275 -11.38 11.48 -17.51
N ARG A 276 -10.33 11.19 -18.28
CA ARG A 276 -9.83 9.84 -18.49
C ARG A 276 -8.82 9.43 -17.44
N ASP A 277 -8.12 10.41 -16.85
CA ASP A 277 -7.18 10.18 -15.74
C ASP A 277 -7.91 10.57 -14.45
N ASN A 278 -8.25 9.57 -13.64
CA ASN A 278 -8.99 9.82 -12.39
C ASN A 278 -8.26 10.72 -11.39
N THR A 279 -6.93 10.69 -11.35
CA THR A 279 -6.15 11.48 -10.40
C THR A 279 -6.19 12.96 -10.76
N VAL A 280 -6.09 13.27 -12.05
CA VAL A 280 -6.26 14.63 -12.55
C VAL A 280 -7.72 15.02 -12.26
N THR A 281 -8.66 14.17 -12.69
CA THR A 281 -10.08 14.40 -12.43
C THR A 281 -10.35 14.71 -10.96
N GLU A 282 -9.69 13.97 -10.07
CA GLU A 282 -9.86 14.17 -8.63
C GLU A 282 -9.23 15.50 -8.18
N TRP A 283 -8.00 15.76 -8.60
CA TRP A 283 -7.27 16.99 -8.21
C TRP A 283 -7.74 18.30 -8.86
N ARG A 284 -8.32 18.25 -10.06
CA ARG A 284 -8.93 19.47 -10.60
C ARG A 284 -10.03 19.93 -9.63
N THR A 285 -10.88 18.99 -9.23
CA THR A 285 -11.95 19.24 -8.26
C THR A 285 -11.41 19.67 -6.91
N ARG A 286 -10.40 18.95 -6.41
CA ARG A 286 -9.78 19.29 -5.14
C ARG A 286 -9.30 20.73 -5.12
N LEU A 287 -8.61 21.10 -6.21
CA LEU A 287 -8.09 22.43 -6.38
C LEU A 287 -9.16 23.50 -6.45
N LEU A 288 -10.26 23.22 -7.15
CA LEU A 288 -11.38 24.16 -7.19
C LEU A 288 -11.93 24.39 -5.79
N LEU A 289 -12.08 23.30 -5.03
CA LEU A 289 -12.54 23.39 -3.65
C LEU A 289 -11.60 24.26 -2.80
N ARG A 290 -10.29 24.10 -2.99
CA ARG A 290 -9.31 24.90 -2.24
C ARG A 290 -9.40 26.36 -2.60
N LEU A 291 -9.54 26.64 -3.90
CA LEU A 291 -9.66 28.01 -4.39
C LEU A 291 -11.04 28.64 -4.16
N GLY A 292 -11.99 27.89 -3.59
CA GLY A 292 -13.28 28.43 -3.18
C GLY A 292 -14.25 28.49 -4.34
N ARG A 293 -14.03 27.65 -5.35
CA ARG A 293 -14.71 27.76 -6.62
C ARG A 293 -15.76 26.65 -6.76
N TRP A 294 -16.86 26.91 -6.08
CA TRP A 294 -17.84 25.90 -5.77
C TRP A 294 -18.70 25.62 -6.98
N ASP A 295 -19.10 26.69 -7.67
CA ASP A 295 -19.88 26.63 -8.92
C ASP A 295 -19.23 25.73 -9.96
N GLU A 296 -17.92 25.88 -10.14
CA GLU A 296 -17.16 25.02 -11.03
C GLU A 296 -16.96 23.62 -10.48
N ALA A 297 -16.64 23.52 -9.20
CA ALA A 297 -16.42 22.22 -8.54
C ALA A 297 -17.65 21.34 -8.73
N TYR A 298 -18.82 21.91 -8.42
CA TYR A 298 -20.10 21.23 -8.61
C TYR A 298 -20.30 20.71 -10.05
N ALA A 299 -19.89 21.48 -11.04
CA ALA A 299 -19.98 21.05 -12.44
C ALA A 299 -19.10 19.82 -12.73
N LEU A 300 -17.85 19.86 -12.29
CA LEU A 300 -16.99 18.67 -12.41
C LEU A 300 -17.65 17.43 -11.81
N THR A 301 -18.32 17.57 -10.65
CA THR A 301 -18.90 16.40 -9.97
C THR A 301 -20.09 15.74 -10.67
N ARG A 302 -20.67 16.39 -11.68
CA ARG A 302 -21.69 15.74 -12.55
C ARG A 302 -21.06 14.99 -13.73
N LYS A 303 -19.91 15.47 -14.21
CA LYS A 303 -19.20 14.83 -15.30
C LYS A 303 -18.47 13.54 -14.93
N LEU A 304 -18.37 13.22 -13.65
CA LEU A 304 -17.50 12.14 -13.23
C LEU A 304 -17.87 10.83 -13.89
N PRO A 305 -16.86 10.06 -14.36
CA PRO A 305 -17.14 8.71 -14.84
C PRO A 305 -17.60 7.82 -13.68
N GLN A 306 -18.59 6.97 -13.94
CA GLN A 306 -19.38 6.32 -12.88
C GLN A 306 -18.56 5.79 -11.68
N ASP A 307 -17.40 5.19 -11.92
CA ASP A 307 -16.57 4.61 -10.84
C ASP A 307 -16.04 5.64 -9.82
N LEU A 308 -15.94 6.91 -10.23
CA LEU A 308 -15.74 8.05 -9.32
C LEU A 308 -17.05 8.58 -8.74
N ALA A 309 -18.07 8.76 -9.58
CA ALA A 309 -19.40 9.18 -9.10
C ALA A 309 -19.95 8.23 -8.03
N ALA A 310 -19.60 6.95 -8.15
CA ALA A 310 -19.97 5.94 -7.17
C ALA A 310 -19.44 6.25 -5.77
N THR A 311 -18.17 6.64 -5.69
CA THR A 311 -17.49 6.78 -4.38
C THR A 311 -18.23 7.73 -3.46
N SER A 312 -18.22 7.43 -2.17
CA SER A 312 -18.89 8.26 -1.18
C SER A 312 -18.21 9.63 -1.04
N ARG A 313 -16.98 9.75 -1.55
CA ARG A 313 -16.30 11.05 -1.69
C ARG A 313 -17.06 12.05 -2.54
N TRP A 314 -17.21 11.73 -3.82
CA TRP A 314 -17.73 12.71 -4.78
C TRP A 314 -19.22 12.84 -4.74
N ARG A 315 -19.87 11.84 -4.17
CA ARG A 315 -21.24 11.99 -3.71
C ARG A 315 -21.34 13.14 -2.68
N TYR A 316 -20.46 13.13 -1.67
CA TYR A 316 -20.42 14.21 -0.67
C TYR A 316 -20.11 15.55 -1.32
N TRP A 317 -19.01 15.62 -2.07
CA TRP A 317 -18.56 16.88 -2.66
C TRP A 317 -19.49 17.44 -3.75
N GLN A 318 -20.34 16.60 -4.33
CA GLN A 318 -21.42 17.11 -5.19
C GLN A 318 -22.47 17.84 -4.33
N ALA A 319 -22.83 17.23 -3.20
CA ALA A 319 -23.81 17.81 -2.27
C ALA A 319 -23.33 19.07 -1.56
N ARG A 320 -22.02 19.19 -1.41
CA ARG A 320 -21.42 20.19 -0.56
C ARG A 320 -20.91 21.36 -1.38
N SER A 321 -20.26 21.09 -2.51
CA SER A 321 -19.93 22.14 -3.48
C SER A 321 -21.18 22.90 -3.91
N LEU A 322 -22.28 22.17 -4.12
CA LEU A 322 -23.55 22.78 -4.44
C LEU A 322 -24.01 23.70 -3.32
N GLN A 323 -23.98 23.19 -2.10
CA GLN A 323 -24.46 23.92 -0.92
C GLN A 323 -23.65 25.21 -0.66
N LEU A 324 -22.33 25.13 -0.84
CA LEU A 324 -21.45 26.30 -0.74
C LEU A 324 -21.72 27.32 -1.85
N ALA A 325 -22.03 26.82 -3.06
CA ALA A 325 -22.30 27.63 -4.26
C ALA A 325 -23.66 28.30 -4.26
N GLN A 326 -24.67 27.54 -3.83
CA GLN A 326 -26.06 27.99 -3.70
C GLN A 326 -26.53 27.74 -2.25
N PRO A 327 -26.19 28.65 -1.32
CA PRO A 327 -26.45 28.43 0.11
C PRO A 327 -27.91 28.18 0.48
N ASN A 328 -28.81 28.84 -0.22
CA ASN A 328 -30.22 28.75 0.11
C ASN A 328 -30.92 27.51 -0.46
N SER A 329 -30.31 26.86 -1.46
CA SER A 329 -30.93 25.72 -2.15
C SER A 329 -31.28 24.56 -1.22
N LYS A 330 -32.29 23.79 -1.61
CA LYS A 330 -32.66 22.56 -0.91
C LYS A 330 -32.17 21.28 -1.60
N GLU A 331 -31.84 21.37 -2.89
CA GLU A 331 -31.35 20.22 -3.67
C GLU A 331 -30.24 19.41 -2.96
N PRO A 332 -29.29 20.08 -2.28
CA PRO A 332 -28.30 19.38 -1.46
C PRO A 332 -28.82 18.47 -0.34
N ILE A 333 -29.96 18.79 0.29
CA ILE A 333 -30.43 17.99 1.45
C ILE A 333 -30.96 16.62 1.01
N ALA A 334 -31.43 16.54 -0.24
CA ALA A 334 -31.75 15.27 -0.90
C ALA A 334 -30.53 14.37 -0.99
N LEU A 335 -29.43 14.94 -1.48
CA LEU A 335 -28.19 14.20 -1.76
C LEU A 335 -27.48 13.78 -0.49
N TYR A 336 -27.40 14.68 0.49
CA TYR A 336 -26.88 14.32 1.81
C TYR A 336 -27.68 13.17 2.40
N GLN A 337 -29.00 13.19 2.21
CA GLN A 337 -29.89 12.12 2.73
C GLN A 337 -29.56 10.72 2.20
N LYS A 338 -29.46 10.59 0.87
CA LYS A 338 -28.97 9.36 0.21
C LYS A 338 -27.67 8.83 0.85
N LEU A 339 -26.75 9.77 1.07
CA LEU A 339 -25.38 9.47 1.50
C LEU A 339 -25.20 9.27 3.01
N ALA A 340 -26.03 9.94 3.82
CA ALA A 340 -25.91 9.92 5.30
C ALA A 340 -26.17 8.55 5.97
N GLY A 341 -26.65 7.57 5.18
CA GLY A 341 -26.83 6.20 5.65
C GLY A 341 -25.59 5.31 5.68
N GLU A 342 -24.48 5.77 5.09
CA GLU A 342 -23.28 4.96 5.00
C GLU A 342 -22.51 5.05 6.32
N ARG A 343 -21.60 4.10 6.55
CA ARG A 343 -20.71 4.12 7.72
C ARG A 343 -19.25 4.38 7.30
N ASP A 344 -19.03 5.49 6.57
CA ASP A 344 -17.67 5.99 6.31
C ASP A 344 -17.56 7.48 6.62
N PHE A 345 -16.34 7.99 6.48
CA PHE A 345 -16.05 9.41 6.69
C PHE A 345 -17.03 10.34 5.97
N TYR A 346 -17.07 10.27 4.65
CA TYR A 346 -17.95 11.13 3.87
C TYR A 346 -19.42 10.92 4.24
N GLY A 347 -19.76 9.70 4.64
CA GLY A 347 -21.08 9.40 5.19
C GLY A 347 -21.38 10.14 6.51
N PHE A 348 -20.41 10.14 7.42
CA PHE A 348 -20.58 10.86 8.67
C PHE A 348 -20.75 12.35 8.44
N LEU A 349 -19.99 12.92 7.50
CA LEU A 349 -20.12 14.34 7.13
C LEU A 349 -21.55 14.66 6.65
N ALA A 350 -22.04 13.84 5.72
CA ALA A 350 -23.41 13.96 5.21
C ALA A 350 -24.45 14.02 6.35
N ALA A 351 -24.28 13.16 7.35
CA ALA A 351 -25.17 13.10 8.54
C ALA A 351 -24.96 14.28 9.46
N ASP A 352 -23.68 14.63 9.65
CA ASP A 352 -23.29 15.87 10.33
C ASP A 352 -23.81 17.13 9.61
N ARG A 353 -23.92 17.08 8.29
CA ARG A 353 -24.44 18.21 7.52
C ARG A 353 -25.97 18.32 7.55
N LEU A 354 -26.66 17.27 8.01
CA LEU A 354 -28.11 17.27 8.21
C LEU A 354 -28.48 17.31 9.69
N SER A 355 -27.47 17.39 10.56
CA SER A 355 -27.67 17.35 12.02
C SER A 355 -28.23 16.02 12.56
N VAL A 356 -28.28 14.98 11.72
CA VAL A 356 -28.90 13.71 12.10
C VAL A 356 -27.83 12.72 12.55
N PRO A 357 -28.17 11.77 13.44
CA PRO A 357 -27.12 10.90 13.98
C PRO A 357 -26.52 9.90 12.98
N TYR A 358 -25.34 9.41 13.36
CA TYR A 358 -24.49 8.60 12.51
C TYR A 358 -25.05 7.20 12.43
N LYS A 359 -24.79 6.50 11.32
CA LYS A 359 -25.26 5.13 11.13
C LYS A 359 -24.10 4.15 11.26
N LEU A 360 -23.99 3.55 12.45
CA LEU A 360 -22.95 2.57 12.77
C LEU A 360 -23.40 1.16 12.36
N GLY A 361 -24.54 0.70 12.91
CA GLY A 361 -25.19 -0.53 12.45
C GLY A 361 -24.42 -1.82 12.61
N ASN A 362 -23.76 -1.97 13.77
CA ASN A 362 -23.09 -3.22 14.14
C ASN A 362 -24.11 -4.34 14.06
N ARG A 363 -23.77 -5.36 13.28
CA ARG A 363 -24.60 -6.55 13.14
C ARG A 363 -23.67 -7.62 12.60
N PRO A 364 -23.16 -8.52 13.48
CA PRO A 364 -22.32 -9.61 12.99
C PRO A 364 -23.02 -10.40 11.89
N ALA A 365 -22.27 -10.81 10.87
CA ALA A 365 -22.86 -11.43 9.69
C ALA A 365 -23.61 -12.71 10.01
N HIS A 366 -24.40 -13.13 9.02
CA HIS A 366 -25.16 -14.37 9.12
C HIS A 366 -24.14 -15.48 8.84
N ILE A 367 -23.90 -16.33 9.84
CA ILE A 367 -22.84 -17.35 9.78
C ILE A 367 -23.50 -18.73 9.78
N ASP A 368 -22.80 -19.70 9.21
CA ASP A 368 -23.24 -21.10 9.18
C ASP A 368 -22.25 -21.85 10.10
N PRO A 369 -22.75 -22.69 11.05
CA PRO A 369 -21.79 -23.46 11.90
C PRO A 369 -21.16 -24.70 11.23
N ARG A 370 -21.66 -25.10 10.06
CA ARG A 370 -20.96 -26.05 9.18
C ARG A 370 -19.65 -25.43 8.67
N VAL A 371 -19.76 -24.19 8.20
CA VAL A 371 -18.61 -23.41 7.71
C VAL A 371 -17.58 -23.16 8.82
N LEU A 372 -18.03 -22.87 10.04
CA LEU A 372 -17.13 -22.64 11.19
C LEU A 372 -16.35 -23.90 11.56
N GLN A 373 -17.04 -25.05 11.57
CA GLN A 373 -16.39 -26.33 11.91
C GLN A 373 -15.51 -26.85 10.77
N ARG A 374 -15.91 -26.61 9.51
CA ARG A 374 -15.08 -26.97 8.34
C ARG A 374 -13.74 -26.24 8.35
N VAL A 375 -13.79 -24.93 8.60
CA VAL A 375 -12.58 -24.09 8.70
C VAL A 375 -11.75 -24.43 9.96
N ARG A 376 -12.38 -24.84 11.05
CA ARG A 376 -11.63 -25.35 12.22
C ARG A 376 -10.98 -26.74 11.96
N ASN A 377 -11.61 -27.53 11.07
CA ASN A 377 -11.07 -28.84 10.62
C ASN A 377 -10.18 -28.76 9.36
N ALA A 378 -9.93 -27.55 8.83
CA ALA A 378 -8.85 -27.34 7.88
C ALA A 378 -7.55 -27.48 8.64
N ALA A 379 -6.54 -28.08 8.01
CA ALA A 379 -5.25 -28.34 8.66
C ALA A 379 -4.46 -27.07 8.98
N SER A 380 -4.63 -26.02 8.17
CA SER A 380 -3.97 -24.73 8.36
C SER A 380 -4.33 -24.09 9.70
N THR A 381 -5.60 -24.21 10.08
CA THR A 381 -6.16 -23.70 11.36
C THR A 381 -5.52 -24.44 12.52
N ARG A 382 -5.65 -25.76 12.47
CA ARG A 382 -5.07 -26.68 13.46
C ARG A 382 -3.57 -26.44 13.60
N ARG A 383 -2.90 -26.19 12.48
CA ARG A 383 -1.48 -25.78 12.47
C ARG A 383 -1.24 -24.41 13.10
N ALA A 384 -2.04 -23.42 12.71
CA ALA A 384 -1.90 -22.05 13.20
C ALA A 384 -2.22 -21.90 14.68
N MET A 385 -3.30 -22.58 15.11
CA MET A 385 -3.67 -22.70 16.52
C MET A 385 -2.52 -23.31 17.33
N GLU A 386 -1.90 -24.35 16.77
CA GLU A 386 -0.79 -25.05 17.42
C GLU A 386 0.45 -24.17 17.57
N PHE A 387 0.73 -23.33 16.57
CA PHE A 387 1.81 -22.33 16.66
C PHE A 387 1.50 -21.25 17.71
N PHE A 388 0.24 -20.83 17.77
CA PHE A 388 -0.25 -19.84 18.75
C PHE A 388 -0.19 -20.38 20.18
N ASN A 389 -0.72 -21.58 20.36
CA ASN A 389 -0.67 -22.31 21.66
C ASN A 389 0.75 -22.61 22.12
N ARG A 390 1.66 -22.84 21.17
CA ARG A 390 3.08 -22.98 21.48
C ARG A 390 3.76 -21.63 21.77
N GLY A 391 3.30 -20.57 21.10
CA GLY A 391 3.78 -19.20 21.34
C GLY A 391 4.78 -18.66 20.33
N GLU A 392 4.71 -19.13 19.08
CA GLU A 392 5.46 -18.57 17.95
C GLU A 392 4.47 -17.85 17.06
N VAL A 393 4.32 -16.55 17.29
CA VAL A 393 3.28 -15.76 16.63
C VAL A 393 3.55 -15.61 15.13
N ILE A 394 4.81 -15.52 14.72
CA ILE A 394 5.15 -15.25 13.32
C ILE A 394 4.73 -16.45 12.46
N ASN A 395 4.97 -17.65 12.97
CA ASN A 395 4.51 -18.90 12.35
C ASN A 395 2.97 -18.98 12.30
N ALA A 396 2.34 -18.89 13.47
CA ALA A 396 0.87 -18.92 13.61
C ALA A 396 0.20 -17.91 12.69
N ARG A 397 0.80 -16.73 12.64
CA ARG A 397 0.36 -15.59 11.84
C ARG A 397 0.48 -15.92 10.35
N ARG A 398 1.68 -16.36 9.93
CA ARG A 398 1.97 -16.76 8.54
C ARG A 398 0.98 -17.79 7.98
N GLU A 399 0.60 -18.76 8.81
CA GLU A 399 -0.39 -19.79 8.43
C GLU A 399 -1.77 -19.22 8.15
N TRP A 400 -2.19 -18.27 8.98
CA TRP A 400 -3.50 -17.66 8.90
C TRP A 400 -3.73 -17.01 7.54
N TYR A 401 -2.70 -16.30 7.06
CA TYR A 401 -2.79 -15.50 5.84
C TYR A 401 -2.74 -16.32 4.57
N HIS A 402 -1.84 -17.30 4.57
CA HIS A 402 -1.69 -18.22 3.44
C HIS A 402 -2.90 -19.16 3.30
N ALA A 403 -3.67 -19.35 4.37
CA ALA A 403 -4.98 -20.02 4.31
C ALA A 403 -6.04 -19.07 3.75
N ALA A 404 -5.98 -17.82 4.19
CA ALA A 404 -6.86 -16.75 3.69
C ALA A 404 -6.63 -16.36 2.21
N ARG A 405 -5.62 -16.93 1.58
CA ARG A 405 -5.39 -16.79 0.12
C ARG A 405 -6.56 -17.28 -0.75
N LEU A 406 -7.14 -18.45 -0.41
CA LEU A 406 -8.25 -19.02 -1.20
C LEU A 406 -9.47 -19.51 -0.40
N PHE A 407 -9.89 -18.71 0.59
CA PHE A 407 -11.22 -18.89 1.20
C PHE A 407 -12.20 -17.90 0.55
N ASP A 408 -13.37 -18.41 0.15
CA ASP A 408 -14.45 -17.56 -0.40
C ASP A 408 -15.10 -16.72 0.71
N ARG A 409 -15.87 -15.72 0.31
CA ARG A 409 -16.45 -14.72 1.22
C ARG A 409 -17.19 -15.30 2.46
N ASP A 410 -17.81 -16.46 2.30
CA ASP A 410 -18.39 -17.21 3.44
C ASP A 410 -17.31 -17.67 4.42
N GLU A 411 -16.28 -18.35 3.89
CA GLU A 411 -15.23 -18.99 4.70
C GLU A 411 -14.29 -18.02 5.45
N LEU A 412 -13.97 -16.88 4.83
CA LEU A 412 -13.11 -15.86 5.46
C LEU A 412 -13.69 -15.31 6.76
N ILE A 413 -15.02 -15.15 6.79
CA ILE A 413 -15.73 -14.58 7.94
C ILE A 413 -15.67 -15.56 9.12
N ALA A 414 -15.66 -16.86 8.84
CA ALA A 414 -15.47 -17.89 9.87
C ALA A 414 -14.13 -17.72 10.60
N GLN A 415 -13.08 -17.53 9.80
CA GLN A 415 -11.72 -17.32 10.30
C GLN A 415 -11.70 -16.18 11.30
N ALA A 416 -12.21 -15.02 10.86
CA ALA A 416 -12.31 -13.80 11.68
C ALA A 416 -12.93 -14.00 13.06
N ARG A 417 -14.02 -14.77 13.13
CA ARG A 417 -14.67 -15.03 14.41
C ARG A 417 -13.90 -16.05 15.25
N LEU A 418 -13.28 -17.04 14.60
CA LEU A 418 -12.36 -17.95 15.27
C LEU A 418 -11.18 -17.23 15.95
N ALA A 419 -10.67 -16.18 15.30
CA ALA A 419 -9.50 -15.45 15.78
C ALA A 419 -9.85 -14.45 16.87
N TYR A 420 -10.93 -13.69 16.65
CA TYR A 420 -11.45 -12.72 17.63
C TYR A 420 -11.74 -13.36 19.01
N ASP A 421 -12.25 -14.60 18.98
CA ASP A 421 -12.49 -15.38 20.21
C ASP A 421 -11.22 -15.79 20.97
N MET A 422 -10.09 -15.91 20.27
CA MET A 422 -8.79 -16.19 20.90
C MET A 422 -8.04 -14.92 21.38
N GLN A 423 -8.75 -13.80 21.61
CA GLN A 423 -8.12 -12.49 21.97
C GLN A 423 -7.05 -12.01 20.99
N TRP A 424 -7.16 -12.43 19.74
CA TRP A 424 -6.10 -12.22 18.76
C TRP A 424 -6.66 -11.33 17.64
N TYR A 425 -6.57 -10.02 17.89
CA TYR A 425 -7.40 -9.04 17.20
C TYR A 425 -6.94 -8.66 15.81
N PHE A 426 -5.64 -8.75 15.51
CA PHE A 426 -5.12 -8.31 14.20
C PHE A 426 -5.48 -9.26 13.04
N PRO A 427 -5.21 -10.57 13.18
CA PRO A 427 -5.74 -11.53 12.18
C PRO A 427 -7.26 -11.46 11.99
N ALA A 428 -7.97 -11.26 13.09
CA ALA A 428 -9.42 -11.07 13.09
C ALA A 428 -9.86 -9.84 12.29
N ILE A 429 -9.12 -8.74 12.42
CA ILE A 429 -9.33 -7.53 11.60
C ILE A 429 -8.95 -7.76 10.15
N ARG A 430 -7.86 -8.49 9.91
CA ARG A 430 -7.34 -8.70 8.56
C ARG A 430 -8.24 -9.63 7.76
N SER A 431 -8.61 -10.75 8.38
CA SER A 431 -9.47 -11.76 7.77
C SER A 431 -10.88 -11.22 7.44
N ILE A 432 -11.46 -10.47 8.37
CA ILE A 432 -12.80 -9.89 8.19
C ILE A 432 -12.78 -8.79 7.12
N SER A 433 -11.69 -8.03 7.04
CA SER A 433 -11.58 -6.91 6.10
C SER A 433 -11.39 -7.37 4.66
N GLN A 434 -10.63 -8.46 4.45
CA GLN A 434 -10.53 -9.07 3.11
C GLN A 434 -11.82 -9.82 2.69
N ALA A 435 -12.56 -10.36 3.66
CA ALA A 435 -13.93 -10.86 3.42
C ALA A 435 -14.92 -9.74 3.09
N GLN A 436 -14.57 -8.52 3.49
CA GLN A 436 -15.33 -7.29 3.26
C GLN A 436 -16.67 -7.23 4.01
N TYR A 437 -16.91 -8.12 4.97
CA TYR A 437 -18.07 -7.93 5.82
C TYR A 437 -17.71 -6.81 6.81
N TRP A 438 -18.12 -5.60 6.45
CA TRP A 438 -17.73 -4.40 7.19
C TRP A 438 -18.54 -4.22 8.45
N ASP A 439 -19.79 -4.66 8.46
CA ASP A 439 -20.71 -4.39 9.57
C ASP A 439 -20.39 -5.07 10.90
N ASP A 440 -19.48 -6.04 10.96
CA ASP A 440 -19.07 -6.60 12.25
C ASP A 440 -18.08 -5.65 12.95
N LEU A 441 -18.61 -4.83 13.86
CA LEU A 441 -17.84 -3.78 14.53
C LEU A 441 -17.25 -4.20 15.89
N ASP A 442 -17.68 -5.33 16.44
CA ASP A 442 -17.05 -5.90 17.64
C ASP A 442 -15.69 -6.54 17.31
N ILE A 443 -15.52 -6.97 16.04
CA ILE A 443 -14.27 -7.55 15.52
C ILE A 443 -13.38 -6.46 14.92
N ARG A 444 -13.96 -5.65 14.04
CA ARG A 444 -13.22 -4.58 13.35
C ARG A 444 -12.70 -3.45 14.24
N PHE A 445 -13.33 -3.21 15.40
CA PHE A 445 -12.96 -2.11 16.29
C PHE A 445 -12.96 -2.58 17.75
N PRO A 446 -12.01 -3.47 18.10
CA PRO A 446 -12.03 -4.11 19.40
C PRO A 446 -11.42 -3.25 20.49
N MET A 447 -11.73 -3.59 21.74
CA MET A 447 -11.31 -2.81 22.91
C MET A 447 -10.00 -3.32 23.49
N ALA A 448 -8.98 -3.42 22.64
CA ALA A 448 -7.68 -3.98 22.99
C ALA A 448 -6.82 -3.00 23.79
N HIS A 449 -6.12 -3.53 24.80
CA HIS A 449 -5.28 -2.74 25.72
C HIS A 449 -6.00 -1.56 26.35
N ARG A 450 -7.30 -1.73 26.57
CA ARG A 450 -8.18 -0.67 27.09
C ARG A 450 -7.79 -0.24 28.50
N ALA A 451 -7.33 -1.19 29.32
CA ALA A 451 -6.70 -0.86 30.59
C ALA A 451 -5.68 0.26 30.40
N THR A 452 -4.68 0.00 29.56
CA THR A 452 -3.56 0.92 29.35
C THR A 452 -3.98 2.25 28.72
N LEU A 453 -4.83 2.19 27.69
CA LEU A 453 -5.19 3.37 26.90
C LEU A 453 -6.07 4.36 27.66
N VAL A 454 -7.13 3.87 28.32
CA VAL A 454 -8.09 4.74 29.05
C VAL A 454 -7.39 5.53 30.16
N ARG A 455 -6.44 4.87 30.82
CA ARG A 455 -5.60 5.52 31.83
C ARG A 455 -4.70 6.59 31.20
N GLU A 456 -3.90 6.19 30.20
CA GLU A 456 -2.94 7.11 29.54
C GLU A 456 -3.55 8.29 28.77
N ALA A 457 -4.84 8.18 28.46
CA ALA A 457 -5.61 9.30 27.90
C ALA A 457 -5.80 10.40 28.94
N LYS A 458 -6.28 10.02 30.12
CA LYS A 458 -6.56 10.98 31.20
C LYS A 458 -5.30 11.59 31.81
N ASN A 459 -4.28 10.75 32.03
CA ASN A 459 -2.88 11.19 32.28
C ASN A 459 -2.57 12.54 31.58
N ARG A 460 -2.93 12.61 30.29
CA ARG A 460 -2.62 13.76 29.43
C ARG A 460 -3.83 14.43 28.74
N GLY A 461 -4.98 14.52 29.43
CA GLY A 461 -6.15 15.29 28.97
C GLY A 461 -6.56 15.15 27.51
N LEU A 462 -6.76 13.91 27.06
CA LEU A 462 -7.16 13.59 25.69
C LEU A 462 -8.29 12.56 25.69
N HIS A 463 -9.44 12.88 25.07
CA HIS A 463 -10.58 11.93 24.96
C HIS A 463 -10.09 10.52 24.57
N SER A 464 -10.56 9.50 25.30
CA SER A 464 -10.07 8.13 25.10
C SER A 464 -10.14 7.70 23.64
N SER A 465 -11.25 8.02 22.98
CA SER A 465 -11.53 7.60 21.60
C SER A 465 -10.42 7.98 20.62
N TRP A 466 -9.81 9.14 20.83
CA TRP A 466 -8.76 9.60 19.95
C TRP A 466 -7.54 8.67 20.00
N ILE A 467 -7.20 8.12 21.17
CA ILE A 467 -6.06 7.19 21.25
C ILE A 467 -6.40 5.85 20.57
N PHE A 468 -7.61 5.34 20.81
CA PHE A 468 -8.06 4.09 20.17
C PHE A 468 -8.07 4.22 18.65
N ALA A 469 -8.57 5.36 18.18
CA ALA A 469 -8.55 5.70 16.76
C ALA A 469 -7.13 5.66 16.18
N ILE A 470 -6.19 6.31 16.86
CA ILE A 470 -4.82 6.43 16.35
C ILE A 470 -4.14 5.06 16.31
N THR A 471 -4.29 4.28 17.38
CA THR A 471 -3.66 2.95 17.45
C THR A 471 -4.22 1.99 16.41
N ARG A 472 -5.56 1.87 16.39
CA ARG A 472 -6.28 1.03 15.43
C ARG A 472 -5.87 1.33 14.00
N GLN A 473 -5.75 2.62 13.66
CA GLN A 473 -5.30 3.04 12.33
C GLN A 473 -3.82 2.71 12.08
N GLN A 474 -2.96 2.99 13.05
CA GLN A 474 -1.51 2.81 12.85
C GLN A 474 -1.00 1.37 12.85
N SER A 475 -1.57 0.51 13.70
CA SER A 475 -1.14 -0.89 13.80
C SER A 475 -2.20 -1.98 13.53
N ALA A 476 -3.48 -1.60 13.58
CA ALA A 476 -4.62 -2.53 13.72
C ALA A 476 -4.45 -3.49 14.93
N PHE A 477 -3.89 -2.95 16.01
CA PHE A 477 -3.51 -3.70 17.21
C PHE A 477 -2.58 -4.90 16.94
N MET A 478 -1.34 -4.59 16.59
CA MET A 478 -0.29 -5.57 16.32
C MET A 478 0.92 -5.14 17.16
N SER A 479 0.91 -5.56 18.43
CA SER A 479 1.90 -5.13 19.46
C SER A 479 3.33 -4.87 18.96
N ASP A 480 3.78 -5.72 18.03
CA ASP A 480 5.06 -5.58 17.35
C ASP A 480 4.84 -5.38 15.84
N ALA A 481 4.70 -4.11 15.42
CA ALA A 481 4.44 -3.77 14.02
C ALA A 481 5.54 -2.88 13.44
N ARG A 482 5.84 -3.06 12.15
CA ARG A 482 6.92 -2.34 11.48
C ARG A 482 6.57 -1.99 10.02
N SER A 483 7.05 -0.84 9.56
CA SER A 483 6.68 -0.28 8.24
C SER A 483 7.79 -0.35 7.19
N GLY A 484 7.45 -0.02 5.94
CA GLY A 484 8.39 -0.02 4.82
C GLY A 484 9.62 0.87 4.95
N VAL A 485 9.56 1.85 5.86
CA VAL A 485 10.75 2.64 6.28
C VAL A 485 11.02 2.63 7.81
N GLY A 486 10.37 1.73 8.55
CA GLY A 486 10.86 1.26 9.85
C GLY A 486 10.32 1.87 11.14
N ALA A 487 9.02 2.18 11.20
CA ALA A 487 8.37 2.67 12.44
C ALA A 487 7.98 1.49 13.35
N THR A 488 8.16 1.64 14.67
CA THR A 488 8.01 0.52 15.62
C THR A 488 6.87 0.66 16.65
N GLY A 489 5.84 -0.20 16.53
CA GLY A 489 4.92 -0.50 17.63
C GLY A 489 3.43 -0.30 17.38
N LEU A 490 2.66 -0.37 18.47
CA LEU A 490 1.21 -0.15 18.46
C LEU A 490 0.79 1.22 17.93
N MET A 491 1.52 2.26 18.33
CA MET A 491 1.28 3.64 17.87
C MET A 491 2.30 4.08 16.81
N GLN A 492 2.89 3.09 16.14
CA GLN A 492 3.95 3.26 15.14
C GLN A 492 4.96 4.36 15.46
N LEU A 493 5.47 4.33 16.69
CA LEU A 493 6.50 5.27 17.11
C LEU A 493 7.74 5.09 16.23
N MET A 494 8.19 6.19 15.63
CA MET A 494 9.30 6.15 14.70
C MET A 494 10.62 6.04 15.49
N PRO A 495 11.61 5.28 14.98
CA PRO A 495 12.94 5.26 15.59
C PRO A 495 13.44 6.65 16.00
N GLY A 496 13.46 7.59 15.05
CA GLY A 496 13.86 8.97 15.31
C GLY A 496 13.12 9.52 16.50
N THR A 497 11.84 9.85 16.29
CA THR A 497 10.94 10.37 17.34
C THR A 497 10.92 9.58 18.66
N ALA A 498 11.20 8.26 18.63
CA ALA A 498 11.11 7.41 19.82
C ALA A 498 11.89 7.91 21.05
N LYS A 499 13.18 8.21 20.86
CA LYS A 499 14.08 8.48 21.99
C LYS A 499 13.83 9.86 22.61
N GLU A 500 13.90 10.88 21.76
CA GLU A 500 13.60 12.29 22.09
C GLU A 500 12.31 12.47 22.89
N THR A 501 11.21 11.95 22.36
CA THR A 501 9.88 12.00 23.02
C THR A 501 9.92 11.58 24.49
N SER A 502 10.72 10.56 24.78
CA SER A 502 10.91 9.98 26.12
C SER A 502 11.57 10.99 27.07
N ARG A 503 12.73 11.50 26.65
CA ARG A 503 13.48 12.52 27.39
C ARG A 503 12.63 13.75 27.72
N LYS A 504 11.99 14.30 26.68
CA LYS A 504 11.36 15.64 26.75
C LYS A 504 10.16 15.72 27.71
N PHE A 505 9.44 14.61 27.85
CA PHE A 505 8.19 14.58 28.67
C PHE A 505 8.40 14.16 30.13
N GLY A 506 9.31 13.22 30.36
CA GLY A 506 9.62 12.73 31.70
C GLY A 506 9.25 11.27 31.95
N ILE A 507 9.54 10.39 30.98
CA ILE A 507 9.58 8.95 31.23
C ILE A 507 10.75 8.31 30.46
N PRO A 508 11.45 7.31 31.06
CA PRO A 508 12.61 6.72 30.38
C PRO A 508 12.31 5.44 29.60
N LEU A 509 12.80 5.39 28.36
CA LEU A 509 12.75 4.20 27.48
C LEU A 509 14.00 3.32 27.70
N ALA A 510 14.02 2.10 27.13
CA ALA A 510 15.26 1.29 26.96
C ALA A 510 15.88 1.18 25.53
N SER A 511 15.12 0.75 24.52
CA SER A 511 15.66 0.55 23.13
C SER A 511 14.66 0.57 21.92
N THR A 512 15.15 0.18 20.74
CA THR A 512 14.32 -0.17 19.55
C THR A 512 13.35 -1.31 19.89
N GLN A 513 13.91 -2.42 20.36
CA GLN A 513 13.14 -3.60 20.75
C GLN A 513 12.55 -3.51 22.19
N GLN A 514 12.37 -2.29 22.72
CA GLN A 514 11.50 -2.07 23.89
C GLN A 514 10.21 -1.30 23.55
N LEU A 515 10.04 -0.89 22.29
CA LEU A 515 8.78 -0.29 21.81
C LEU A 515 7.72 -1.33 21.40
N ILE A 516 8.06 -2.63 21.50
CA ILE A 516 7.07 -3.71 21.32
C ILE A 516 6.13 -3.78 22.55
N VAL A 517 6.68 -3.50 23.73
CA VAL A 517 5.90 -3.54 25.00
C VAL A 517 4.71 -2.59 24.85
N PRO A 518 3.49 -3.04 25.19
CA PRO A 518 2.34 -2.14 25.10
C PRO A 518 2.44 -0.92 26.04
N ASP A 519 2.68 -1.17 27.32
CA ASP A 519 2.72 -0.10 28.34
C ASP A 519 3.89 0.88 28.15
N VAL A 520 4.95 0.48 27.45
CA VAL A 520 5.97 1.40 26.97
C VAL A 520 5.38 2.20 25.81
N ASN A 521 5.10 1.49 24.72
CA ASN A 521 4.72 2.08 23.43
C ASN A 521 3.59 3.08 23.57
N ILE A 522 2.52 2.65 24.23
CA ILE A 522 1.33 3.47 24.46
C ILE A 522 1.61 4.73 25.32
N ARG A 523 2.55 4.65 26.26
CA ARG A 523 2.80 5.77 27.20
C ARG A 523 3.49 6.95 26.52
N LEU A 524 4.62 6.68 25.85
CA LEU A 524 5.37 7.74 25.17
C LEU A 524 4.71 8.17 23.84
N GLY A 525 3.93 7.29 23.22
CA GLY A 525 3.12 7.66 22.04
C GLY A 525 2.07 8.70 22.39
N ALA A 526 1.38 8.47 23.50
CA ALA A 526 0.38 9.39 24.03
C ALA A 526 0.96 10.74 24.46
N ALA A 527 2.24 10.73 24.84
CA ALA A 527 2.99 11.97 25.11
C ALA A 527 3.21 12.77 23.83
N TYR A 528 3.80 12.13 22.82
CA TYR A 528 4.02 12.78 21.52
C TYR A 528 2.71 13.23 20.87
N LEU A 529 1.65 12.46 21.06
CA LEU A 529 0.31 12.81 20.60
C LEU A 529 -0.15 14.14 21.21
N SER A 530 0.01 14.31 22.52
CA SER A 530 -0.38 15.56 23.21
C SER A 530 0.55 16.72 22.86
N GLN A 531 1.81 16.41 22.57
CA GLN A 531 2.79 17.40 22.12
C GLN A 531 2.29 18.11 20.87
N VAL A 532 1.92 17.34 19.85
CA VAL A 532 1.34 17.89 18.62
C VAL A 532 -0.06 18.46 18.87
N HIS A 533 -0.85 17.75 19.66
CA HIS A 533 -2.17 18.25 20.10
C HIS A 533 -2.08 19.70 20.55
N SER A 534 -1.13 19.98 21.44
CA SER A 534 -0.89 21.34 21.96
C SER A 534 -0.27 22.24 20.91
N GLN A 535 0.66 21.68 20.13
CA GLN A 535 1.30 22.37 19.00
C GLN A 535 0.29 23.04 18.07
N PHE A 536 -0.86 22.39 17.89
CA PHE A 536 -1.94 22.90 17.03
C PHE A 536 -3.26 23.18 17.76
N ASN A 537 -3.20 23.69 19.00
CA ASN A 537 -4.39 24.19 19.73
C ASN A 537 -5.49 23.14 19.88
N GLY A 538 -5.12 21.93 20.30
CA GLY A 538 -6.07 20.82 20.51
C GLY A 538 -7.03 20.49 19.38
N ASN A 539 -6.51 20.59 18.16
CA ASN A 539 -7.27 20.39 16.93
C ASN A 539 -6.82 19.02 16.40
N ARG A 540 -7.66 18.02 16.60
CA ARG A 540 -7.34 16.63 16.21
C ARG A 540 -7.16 16.46 14.70
N VAL A 541 -7.87 17.25 13.91
CA VAL A 541 -7.75 17.21 12.45
C VAL A 541 -6.31 17.52 12.00
N LEU A 542 -5.77 18.62 12.50
CA LEU A 542 -4.39 19.01 12.22
C LEU A 542 -3.37 18.11 12.92
N ALA A 543 -3.61 17.84 14.21
CA ALA A 543 -2.70 17.05 15.04
C ALA A 543 -2.55 15.62 14.55
N SER A 544 -3.66 14.99 14.19
CA SER A 544 -3.62 13.64 13.62
C SER A 544 -2.74 13.64 12.36
N ALA A 545 -2.99 14.58 11.45
CA ALA A 545 -2.11 14.77 10.29
C ALA A 545 -0.65 14.88 10.73
N ALA A 546 -0.37 15.76 11.69
CA ALA A 546 1.02 15.97 12.16
C ALA A 546 1.65 14.68 12.70
N TYR A 547 0.91 13.95 13.53
CA TYR A 547 1.34 12.65 14.04
C TYR A 547 1.88 11.74 12.93
N ASN A 548 1.25 11.78 11.75
CA ASN A 548 1.67 10.97 10.60
C ASN A 548 2.67 11.67 9.70
N ALA A 549 2.40 12.94 9.42
CA ALA A 549 3.05 13.65 8.31
C ALA A 549 4.19 14.55 8.76
N GLY A 550 4.22 14.86 10.04
CA GLY A 550 5.14 15.83 10.61
C GLY A 550 4.50 17.20 10.72
N PRO A 551 4.59 17.85 11.90
CA PRO A 551 4.16 19.23 12.08
C PRO A 551 4.67 20.20 11.00
N GLY A 552 5.93 20.05 10.62
CA GLY A 552 6.53 20.82 9.54
C GLY A 552 5.73 20.77 8.25
N ARG A 553 5.25 19.58 7.91
CA ARG A 553 4.44 19.41 6.70
C ARG A 553 3.04 20.01 6.87
N VAL A 554 2.46 19.84 8.06
CA VAL A 554 1.14 20.38 8.35
C VAL A 554 1.14 21.90 8.40
N ARG A 555 2.19 22.50 8.95
CA ARG A 555 2.34 23.96 8.91
C ARG A 555 2.37 24.43 7.45
N GLN A 556 3.19 23.74 6.65
CA GLN A 556 3.30 23.93 5.18
C GLN A 556 1.94 23.89 4.46
N TRP A 557 1.09 22.95 4.85
CA TRP A 557 -0.27 22.84 4.32
C TRP A 557 -1.28 23.86 4.87
N LEU A 558 -0.82 24.84 5.63
CA LEU A 558 -1.68 25.95 6.05
C LEU A 558 -1.28 27.30 5.49
N LYS A 559 -0.13 27.40 4.81
CA LYS A 559 0.23 28.65 4.15
C LYS A 559 -0.67 28.84 2.91
N ASP A 560 -1.21 30.03 2.65
CA ASP A 560 -1.54 31.06 3.62
C ASP A 560 -3.05 31.00 3.62
N THR A 561 -3.62 30.48 4.70
CA THR A 561 -5.05 30.17 4.77
C THR A 561 -5.85 31.24 5.49
N ARG A 562 -7.16 31.16 5.36
CA ARG A 562 -8.07 32.13 5.96
C ARG A 562 -9.46 31.53 6.05
N HIS A 563 -9.87 31.13 7.26
CA HIS A 563 -11.19 30.53 7.49
C HIS A 563 -11.45 29.32 6.57
N LEU A 564 -10.46 28.43 6.46
CA LEU A 564 -10.61 27.26 5.61
C LEU A 564 -11.60 26.30 6.25
N ALA A 565 -12.51 25.78 5.47
CA ALA A 565 -13.41 24.74 5.92
C ALA A 565 -12.57 23.49 6.27
N PHE A 566 -12.87 22.83 7.39
CA PHE A 566 -12.12 21.64 7.78
C PHE A 566 -12.21 20.53 6.73
N ASP A 567 -13.38 20.36 6.11
CA ASP A 567 -13.59 19.27 5.13
C ASP A 567 -12.82 19.49 3.82
N VAL A 568 -12.72 20.75 3.41
CA VAL A 568 -11.92 21.12 2.24
C VAL A 568 -10.45 20.84 2.53
N TRP A 569 -10.01 21.22 3.73
CA TRP A 569 -8.61 21.03 4.11
C TRP A 569 -8.22 19.57 4.04
N ILE A 570 -9.08 18.70 4.58
CA ILE A 570 -8.77 17.28 4.63
C ILE A 570 -8.62 16.76 3.21
N GLU A 571 -9.59 17.10 2.37
CA GLU A 571 -9.58 16.75 0.94
C GLU A 571 -8.33 17.25 0.22
N THR A 572 -7.93 18.48 0.51
CA THR A 572 -6.80 19.14 -0.17
C THR A 572 -5.46 18.97 0.59
N ILE A 573 -5.22 17.76 1.10
CA ILE A 573 -3.93 17.36 1.66
C ILE A 573 -3.25 16.69 0.48
N PRO A 574 -2.07 17.20 0.05
CA PRO A 574 -1.38 16.65 -1.11
C PRO A 574 -1.08 15.15 -1.06
N PHE A 575 -0.76 14.64 0.12
CA PHE A 575 -0.46 13.20 0.30
C PHE A 575 -1.73 12.36 0.44
N ASP A 576 -1.76 11.27 -0.32
CA ASP A 576 -2.84 10.28 -0.31
C ASP A 576 -2.76 9.40 0.92
N GLU A 577 -1.53 9.10 1.33
CA GLU A 577 -1.31 8.33 2.52
C GLU A 577 -1.87 9.07 3.75
N THR A 578 -1.61 10.37 3.82
CA THR A 578 -2.03 11.19 4.97
C THR A 578 -3.52 11.53 4.95
N ARG A 579 -4.08 11.86 3.79
CA ARG A 579 -5.53 12.16 3.72
C ARG A 579 -6.34 10.98 4.30
N GLN A 580 -6.07 9.78 3.80
CA GLN A 580 -6.76 8.58 4.27
C GLN A 580 -6.48 8.28 5.71
N TYR A 581 -5.22 8.45 6.13
CA TYR A 581 -4.86 8.32 7.54
C TYR A 581 -5.79 9.18 8.43
N VAL A 582 -5.97 10.45 8.07
CA VAL A 582 -6.78 11.38 8.85
C VAL A 582 -8.26 11.01 8.85
N GLN A 583 -8.79 10.65 7.68
CA GLN A 583 -10.21 10.32 7.56
C GLN A 583 -10.58 9.10 8.38
N ASN A 584 -9.69 8.11 8.39
CA ASN A 584 -9.88 6.93 9.25
C ASN A 584 -9.93 7.29 10.73
N VAL A 585 -8.89 7.98 11.20
CA VAL A 585 -8.72 8.32 12.63
C VAL A 585 -9.91 9.13 13.18
N LEU A 586 -10.32 10.14 12.42
CA LEU A 586 -11.53 10.89 12.74
C LEU A 586 -12.76 9.96 12.85
N SER A 587 -12.95 9.13 11.83
CA SER A 587 -14.09 8.21 11.75
C SER A 587 -14.03 7.06 12.75
N TYR A 588 -12.81 6.60 13.03
CA TYR A 588 -12.58 5.57 14.02
C TYR A 588 -12.94 6.11 15.39
N ALA A 589 -12.44 7.30 15.72
CA ALA A 589 -12.81 7.99 16.95
C ALA A 589 -14.32 8.07 17.18
N VAL A 590 -15.10 8.30 16.12
CA VAL A 590 -16.57 8.31 16.23
C VAL A 590 -17.07 6.96 16.72
N ILE A 591 -16.57 5.89 16.10
CA ILE A 591 -16.91 4.51 16.46
C ILE A 591 -16.46 4.17 17.90
N TYR A 592 -15.23 4.52 18.26
CA TYR A 592 -14.72 4.23 19.60
C TYR A 592 -15.37 5.09 20.67
N GLY A 593 -15.78 6.31 20.31
CA GLY A 593 -16.50 7.20 21.22
C GLY A 593 -17.73 6.49 21.73
N GLN A 594 -18.50 5.93 20.80
CA GLN A 594 -19.64 5.06 21.12
C GLN A 594 -19.23 3.93 22.07
N LYS A 595 -18.33 3.06 21.61
CA LYS A 595 -17.94 1.85 22.36
C LYS A 595 -17.37 2.14 23.75
N LEU A 596 -16.77 3.33 23.92
CA LEU A 596 -16.38 3.84 25.24
C LEU A 596 -17.43 4.78 25.85
N ASN A 597 -18.70 4.63 25.45
CA ASN A 597 -19.82 5.29 26.12
C ASN A 597 -19.69 6.83 26.17
N ALA A 598 -18.97 7.41 25.21
CA ALA A 598 -18.58 8.83 25.22
C ALA A 598 -18.62 9.44 23.81
N PRO A 599 -19.83 9.78 23.29
CA PRO A 599 -20.06 10.34 21.97
C PRO A 599 -19.08 11.42 21.49
N GLN A 600 -18.18 11.00 20.60
CA GLN A 600 -17.32 11.87 19.82
C GLN A 600 -18.07 12.13 18.51
N PRO A 601 -18.27 13.41 18.13
CA PRO A 601 -18.69 13.72 16.76
C PRO A 601 -17.48 13.76 15.81
N ILE A 602 -17.72 13.65 14.51
CA ILE A 602 -16.63 13.58 13.53
C ILE A 602 -15.65 14.74 13.67
N VAL A 603 -16.18 15.96 13.83
CA VAL A 603 -15.38 17.15 14.15
C VAL A 603 -15.94 17.86 15.36
N ASP A 604 -15.05 18.40 16.17
CA ASP A 604 -15.43 19.20 17.34
C ASP A 604 -15.69 20.63 16.87
N TRP A 605 -16.50 21.36 17.64
CA TRP A 605 -16.89 22.74 17.32
C TRP A 605 -15.73 23.66 16.89
N HIS A 606 -14.60 23.53 17.57
CA HIS A 606 -13.41 24.39 17.35
C HIS A 606 -12.42 23.86 16.31
N GLU A 607 -12.67 22.66 15.78
CA GLU A 607 -11.88 22.04 14.73
C GLU A 607 -12.35 22.46 13.33
N ARG A 608 -13.51 23.14 13.25
CA ARG A 608 -14.24 23.31 11.99
C ARG A 608 -13.70 24.36 11.01
N TYR A 609 -13.15 25.44 11.54
CA TYR A 609 -12.46 26.44 10.72
C TYR A 609 -11.06 26.66 11.29
N PHE A 610 -10.04 26.72 10.41
CA PHE A 610 -8.67 27.00 10.85
C PHE A 610 -7.73 27.57 9.78
N ASP A 611 -6.71 28.29 10.22
CA ASP A 611 -5.81 29.00 9.31
C ASP A 611 -4.43 29.29 9.93
N ASP A 612 -3.53 29.86 9.13
CA ASP A 612 -2.25 30.37 9.64
C ASP A 612 -2.25 31.91 9.72
N PHE A 613 -3.44 32.48 9.92
CA PHE A 613 -3.65 33.93 9.98
C PHE A 613 -3.69 34.36 11.46
C1 MAG B . 7.32 -7.39 9.52
C2 MAG B . 6.62 -8.71 9.11
C3 MAG B . 6.02 -8.51 7.70
C4 MAG B . 4.89 -7.44 7.72
C5 MAG B . 5.33 -6.12 8.41
C6 MAG B . 4.14 -5.26 8.94
C7 MAG B . 7.31 -11.11 9.25
C8 MAG B . 8.43 -12.18 9.26
N2 MAG B . 7.65 -9.77 9.12
O1 MAG B . 8.08 -7.50 10.72
O3 MAG B . 5.48 -9.72 7.16
O4 MAG B . 4.48 -7.23 6.32
O5 MAG B . 6.27 -6.37 9.51
O6 MAG B . 3.01 -6.04 9.37
O7 MAG B . 5.95 -11.51 9.38
CM MAG B . 9.47 -7.28 10.76
C1 NAG B . 3.33 -7.12 5.38
C2 NAG B . 2.16 -6.64 6.32
C3 NAG B . 0.95 -6.13 5.51
C4 NAG B . 1.51 -4.83 4.89
C5 NAG B . 2.43 -5.23 3.72
C6 NAG B . 3.06 -3.98 3.08
C7 NAG B . 1.85 -9.08 7.43
C8 NAG B . 1.44 -9.77 8.73
N2 NAG B . 1.79 -7.59 7.41
O3 NAG B . -0.21 -5.94 6.32
O4 NAG B . 0.31 -3.89 4.57
O5 NAG B . 3.43 -6.19 4.23
O6 NAG B . 4.48 -3.94 3.21
O7 NAG B . 2.18 -9.83 6.54
C1 AMU B . -0.02 -2.44 4.96
C2 AMU B . -0.55 -1.50 3.86
C3 AMU B . -0.09 -0.11 4.38
C4 AMU B . -0.80 0.23 5.73
C5 AMU B . -1.23 -0.98 6.63
C6 AMU B . -2.66 -0.78 7.21
C7 AMU B . 0.85 -1.79 1.69
C8 AMU B . 0.78 -2.44 0.29
C9 AMU B . 0.42 1.88 2.44
C10 AMU B . 1.94 1.90 2.74
C11 AMU B . 0.14 1.60 0.95
O3 AMU B . -0.11 0.88 3.31
O4 AMU B . 0.08 1.09 6.43
O5 AMU B . -1.04 -2.30 6.00
O6 AMU B . -2.69 -1.18 8.57
O7 AMU B . 1.87 -1.21 1.97
O10 AMU B . 2.65 2.82 2.44
N2 AMU B . -0.14 -1.92 2.48
C1 NAG B . 0.14 2.06 7.45
C2 NAG B . 1.47 1.98 8.23
C3 NAG B . 1.69 3.18 9.17
C4 NAG B . 1.65 4.50 8.34
C5 NAG B . 0.18 4.60 7.78
C6 NAG B . -0.21 5.87 7.02
C7 NAG B . 2.15 -0.40 8.69
C8 NAG B . 2.09 -1.59 9.68
N2 NAG B . 1.55 0.71 8.98
O3 NAG B . 2.92 2.95 9.85
O4 NAG B . 2.06 5.65 9.06
O5 NAG B . -0.04 3.42 6.95
O6 NAG B . 0.94 6.72 6.89
O7 NAG B . 2.79 -0.56 7.67
C1 AMU B . 3.21 5.99 9.81
C2 AMU B . 4.41 6.58 8.97
C3 AMU B . 5.45 7.52 9.69
C4 AMU B . 4.88 8.20 10.97
C5 AMU B . 4.09 7.17 11.81
C6 AMU B . 3.62 7.60 13.20
C7 AMU B . 5.32 5.31 6.96
C8 AMU B . 6.07 4.06 6.43
C9 AMU B . 6.56 8.52 7.62
C10 AMU B . 5.73 9.23 6.51
C11 AMU B . 7.90 9.26 7.90
O3 AMU B . 5.77 8.51 8.77
O4 AMU B . 5.88 8.82 11.74
O5 AMU B . 3.01 6.88 10.92
O6 AMU B . 2.53 6.81 13.64
O7 AMU B . 5.00 6.05 6.08
O10 AMU B . 5.32 10.35 6.71
N2 AMU B . 5.11 5.43 8.39
C1 NAG B . 5.98 10.22 11.82
C2 NAG B . 6.64 10.52 13.22
C3 NAG B . 6.75 12.06 13.23
C4 NAG B . 7.72 12.51 12.15
C5 NAG B . 7.12 12.15 10.76
C6 NAG B . 8.07 12.25 9.59
C7 NAG B . 5.98 9.25 15.27
C8 NAG B . 4.86 8.93 16.21
N2 NAG B . 5.70 10.09 14.24
O3 NAG B . 7.25 12.37 14.50
O4 NAG B . 7.96 13.91 12.20
O5 NAG B . 6.79 10.73 10.79
O6 NAG B . 8.84 13.44 9.56
O7 NAG B . 7.07 8.73 15.49
O4 NM6 B . 11.83 17.54 14.03
C3A NM6 B . 11.54 17.81 10.09
C1 NM6 B . 9.09 14.67 12.49
C3B NM6 B . 13.06 17.49 10.05
C2 NM6 B . 9.17 16.04 11.83
C3C NM6 B . 11.29 19.26 9.58
C3 NM6 B . 10.57 16.62 12.15
C4 NM6 B . 10.59 16.94 13.67
N3A NM6 B . 11.53 20.40 10.46
O7 NM6 B . 7.78 17.96 10.13
O3B NM6 B . 10.88 19.44 8.45
O3 NM6 B . 10.95 17.69 11.34
C5 NM6 B . 10.26 15.59 14.42
C6 NM6 B . 9.93 15.78 15.88
C7 NM6 B . 8.30 16.93 9.69
C8 NM6 B . 8.22 16.66 8.22
N2 NM6 B . 8.94 16.00 10.39
O6 NM6 B . 10.33 14.66 16.65
O5 NM6 B . 9.10 14.94 13.92
C1 NAG B . 12.37 18.37 15.02
C2 NAG B . 13.85 18.00 15.24
C3 NAG B . 14.59 19.02 16.11
C4 NAG B . 14.33 20.46 15.67
C5 NAG B . 12.81 20.68 15.48
C6 NAG B . 12.59 22.08 14.92
C7 NAG B . 13.48 16.25 16.98
C8 NAG B . 13.76 14.84 17.30
N2 NAG B . 13.97 16.67 15.80
O3 NAG B . 15.98 18.78 16.07
O4 NAG B . 14.86 21.37 16.64
O5 NAG B . 12.28 19.75 14.55
O6 NAG B . 12.82 23.10 15.90
O7 NAG B . 12.85 16.91 17.80
C ACT C . -1.65 29.94 -1.86
O ACT C . -1.44 30.93 -2.59
OXT ACT C . -2.81 29.50 -1.63
CH3 ACT C . -0.47 29.24 -1.26
C ACT D . -7.75 32.14 13.22
O ACT D . -6.67 31.63 13.57
OXT ACT D . -7.82 33.37 12.96
CH3 ACT D . -8.98 31.27 13.05
N ALA E . 5.45 8.51 5.25
CA ALA E . 4.65 9.07 4.14
C ALA E . 5.41 10.17 3.37
O ALA E . 5.66 11.23 3.92
CB ALA E . 3.28 9.61 4.65
N DGL F . 5.80 9.94 1.97
CA DGL F . 6.52 10.97 1.19
C DGL F . 8.01 11.05 1.66
O DGL F . 8.42 12.05 2.19
CB DGL F . 6.43 10.66 -0.33
CG DGL F . 5.93 11.88 -1.14
CD DGL F . 6.08 11.53 -2.64
OE1 DGL F . 5.78 12.33 -3.49
OXT DGL F . 8.90 9.95 1.45
#